data_6JQH
#
_entry.id   6JQH
#
_cell.length_a   74.665
_cell.length_b   115.381
_cell.length_c   95.870
_cell.angle_alpha   90.00
_cell.angle_beta   96.23
_cell.angle_gamma   90.00
#
_symmetry.space_group_name_H-M   'P 1 21 1'
#
loop_
_entity.id
_entity.type
_entity.pdbx_description
1 polymer MaDA
2 non-polymer 'FLAVIN-ADENINE DINUCLEOTIDE'
3 water water
#
_entity_poly.entity_id   1
_entity_poly.type   'polypeptide(L)'
_entity_poly.pdbx_seq_one_letter_code
;THEAFLECLTTRIPSNSTFTPQSIIYTPDNPSYSTILDSTTQNPRFLSSSTRNPFAIITPLHASHIQAALYCSQKHGEQM
RIRSGGHDYEGLSYQSSVPFFILDLRNLSSISIDAKSKSAWVQAGATIGELYYGIAKTSLNLSFPGGVAHTIGVGGQLGG
GGYGYSTRKYGLASDNVIDAQLIDARGRILDRKTMGEDLFWAIRGGGAGSFGIVLAWKIRLVNTPSTVTIFEAVRSWENN
TTKKFIRRYQRRASKTDKDLTIFVGFRTTSSTDEEGNERISILTIVSATFHGSKDRLLQLVQKEFPDLGLVSEECTEMSW
VRSIIHFNLFGDEVPLEVLLNRTLNFEMKAFKLRSDYVQKPIPDDVLEKLLSKLYDEETGEGYIEFFPYGGKMSKISESE
IPFPYRAGNLYNLRYMVSWKDDGNITRTNMHLSWIKDAYDYMTPYVSKDPRGAYLNFRDLDIGVNVNESDYDYVAKASVW
GTKYFRNNFYRLVDIKTIVDPTNFFKYEQSIPPLPPL
;
_entity_poly.pdbx_strand_id   A,B
#
# COMPACT_ATOMS: atom_id res chain seq x y z
N THR A 1 21.99 29.65 -4.98
CA THR A 1 20.97 30.02 -5.96
C THR A 1 19.70 30.52 -5.24
N HIS A 2 18.54 29.98 -5.61
CA HIS A 2 17.27 30.33 -4.97
C HIS A 2 16.93 31.82 -5.07
N GLU A 3 17.39 32.52 -6.14
CA GLU A 3 17.06 33.96 -6.29
C GLU A 3 15.56 34.16 -6.28
N ALA A 4 14.83 33.35 -7.05
CA ALA A 4 13.40 33.58 -7.20
C ALA A 4 12.67 33.36 -5.87
N PHE A 5 13.10 32.34 -5.12
CA PHE A 5 12.48 32.11 -3.82
C PHE A 5 12.75 33.28 -2.87
N LEU A 6 14.02 33.67 -2.71
CA LEU A 6 14.36 34.74 -1.77
C LEU A 6 13.71 36.06 -2.15
N GLU A 7 13.68 36.38 -3.45
CA GLU A 7 13.06 37.63 -3.88
C GLU A 7 11.55 37.60 -3.65
N CYS A 8 10.91 36.45 -3.89
CA CYS A 8 9.48 36.34 -3.65
C CYS A 8 9.14 36.55 -2.19
N LEU A 9 10.01 36.10 -1.28
CA LEU A 9 9.80 36.27 0.16
C LEU A 9 9.73 37.74 0.54
N THR A 10 10.82 38.47 0.29
CA THR A 10 10.85 39.89 0.63
C THR A 10 9.70 40.66 0.00
N THR A 11 9.11 40.14 -1.07
CA THR A 11 7.96 40.77 -1.72
C THR A 11 6.65 40.46 -1.01
N ARG A 12 6.41 39.20 -0.63
CA ARG A 12 5.12 38.81 -0.10
C ARG A 12 4.97 39.05 1.40
N ILE A 13 6.06 39.28 2.12
CA ILE A 13 5.99 39.49 3.56
C ILE A 13 5.55 40.93 3.82
N PRO A 14 4.36 41.13 4.40
CA PRO A 14 3.87 42.50 4.66
C PRO A 14 4.86 43.31 5.49
N SER A 15 5.30 44.43 4.91
CA SER A 15 6.31 45.29 5.51
C SER A 15 5.68 46.57 6.02
N PHE A 19 9.87 46.15 10.65
CA PHE A 19 8.96 46.02 9.51
C PHE A 19 9.72 45.75 8.23
N THR A 20 10.76 44.92 8.35
CA THR A 20 11.67 44.65 7.24
C THR A 20 11.86 43.15 7.12
N PRO A 21 11.63 42.56 5.94
CA PRO A 21 11.71 41.08 5.82
C PRO A 21 13.10 40.54 6.04
N GLN A 22 14.14 41.28 5.63
CA GLN A 22 15.52 40.81 5.78
C GLN A 22 15.88 40.56 7.24
N SER A 23 15.05 41.02 8.17
CA SER A 23 15.30 40.77 9.59
C SER A 23 15.00 39.34 9.99
N ILE A 24 13.99 38.70 9.38
CA ILE A 24 13.62 37.33 9.75
C ILE A 24 14.19 36.30 8.78
N ILE A 25 15.15 36.69 7.94
CA ILE A 25 15.71 35.81 6.92
C ILE A 25 17.22 35.78 7.11
N TYR A 26 17.72 34.67 7.61
CA TYR A 26 19.15 34.47 7.87
C TYR A 26 19.74 33.58 6.79
N THR A 27 20.86 34.01 6.20
CA THR A 27 21.56 33.21 5.20
C THR A 27 22.97 32.93 5.72
N PRO A 28 23.74 32.00 5.14
CA PRO A 28 25.04 31.66 5.73
C PRO A 28 26.01 32.83 5.87
N ASP A 29 25.83 33.92 5.11
CA ASP A 29 26.71 35.08 5.26
C ASP A 29 26.46 35.82 6.57
N ASN A 30 25.21 35.94 6.96
CA ASN A 30 24.83 36.61 8.20
C ASN A 30 25.54 35.97 9.39
N PRO A 31 26.23 36.76 10.23
CA PRO A 31 26.99 36.14 11.35
C PRO A 31 26.12 35.44 12.38
N SER A 32 24.88 35.90 12.60
CA SER A 32 23.99 35.23 13.54
C SER A 32 23.21 34.06 12.91
N TYR A 33 23.57 33.63 11.70
CA TYR A 33 22.98 32.43 11.13
C TYR A 33 23.47 31.18 11.85
N SER A 34 24.77 31.11 12.11
CA SER A 34 25.33 29.95 12.78
C SER A 34 24.76 29.78 14.18
N THR A 35 24.55 30.88 14.89
CA THR A 35 23.99 30.80 16.24
C THR A 35 22.53 30.35 16.22
N ILE A 36 21.74 30.83 15.26
CA ILE A 36 20.35 30.40 15.16
C ILE A 36 20.27 28.91 14.81
N LEU A 37 21.11 28.45 13.88
CA LEU A 37 21.14 27.04 13.54
C LEU A 37 21.55 26.18 14.74
N ASP A 38 22.64 26.57 15.40
CA ASP A 38 23.19 25.76 16.49
C ASP A 38 22.27 25.73 17.71
N SER A 39 21.54 26.82 17.97
CA SER A 39 20.89 26.96 19.26
C SER A 39 19.86 25.87 19.51
N THR A 40 19.18 25.40 18.47
CA THR A 40 18.27 24.28 18.64
C THR A 40 18.70 23.09 17.76
N THR A 41 20.00 22.85 17.67
CA THR A 41 20.52 21.55 17.25
C THR A 41 20.71 20.74 18.51
N GLN A 42 19.72 19.91 18.84
CA GLN A 42 19.68 19.34 20.18
C GLN A 42 20.40 18.02 20.30
N ASN A 43 20.72 17.35 19.19
CA ASN A 43 21.57 16.17 19.26
C ASN A 43 22.94 16.52 18.71
N PRO A 44 23.96 16.59 19.57
CA PRO A 44 25.29 17.06 19.13
C PRO A 44 25.94 16.21 18.06
N ARG A 45 25.44 14.99 17.79
CA ARG A 45 26.08 14.20 16.75
C ARG A 45 25.94 14.83 15.38
N PHE A 46 24.99 15.74 15.20
CA PHE A 46 24.76 16.40 13.93
C PHE A 46 25.50 17.73 13.82
N LEU A 47 26.32 18.08 14.81
CA LEU A 47 27.06 19.33 14.74
C LEU A 47 28.02 19.35 13.56
N SER A 48 28.61 18.19 13.23
CA SER A 48 29.50 18.05 12.09
C SER A 48 28.80 17.42 10.89
N SER A 49 27.48 17.59 10.78
CA SER A 49 26.73 17.01 9.67
C SER A 49 26.84 17.92 8.44
N SER A 50 27.21 17.33 7.30
CA SER A 50 27.25 18.11 6.06
C SER A 50 25.86 18.39 5.51
N THR A 51 24.83 17.71 5.97
CA THR A 51 23.47 17.98 5.53
C THR A 51 22.75 18.98 6.44
N ARG A 52 23.45 19.56 7.40
CA ARG A 52 22.90 20.58 8.29
C ARG A 52 23.30 21.96 7.79
N ASN A 53 22.89 22.25 6.55
CA ASN A 53 23.34 23.43 5.82
C ASN A 53 22.18 24.04 5.06
N PRO A 54 21.17 24.56 5.77
CA PRO A 54 20.09 25.25 5.06
C PRO A 54 20.63 26.50 4.37
N PHE A 55 20.08 26.78 3.18
CA PHE A 55 20.48 28.00 2.50
C PHE A 55 19.85 29.22 3.12
N ALA A 56 18.74 29.04 3.85
CA ALA A 56 18.12 30.12 4.60
C ALA A 56 17.49 29.55 5.87
N ILE A 57 17.39 30.39 6.89
CA ILE A 57 16.56 30.11 8.05
C ILE A 57 15.61 31.27 8.20
N ILE A 58 14.31 30.98 8.24
CA ILE A 58 13.27 31.99 8.39
C ILE A 58 12.66 31.86 9.76
N THR A 59 12.51 32.98 10.46
CA THR A 59 11.91 33.04 11.79
C THR A 59 10.64 33.87 11.71
N PRO A 60 9.52 33.27 11.31
CA PRO A 60 8.28 34.06 11.18
C PRO A 60 7.85 34.65 12.52
N LEU A 61 7.24 35.84 12.45
CA LEU A 61 6.68 36.49 13.63
C LEU A 61 5.17 36.50 13.67
N HIS A 62 4.52 36.20 12.55
CA HIS A 62 3.07 36.13 12.46
C HIS A 62 2.69 35.03 11.50
N ALA A 63 1.42 34.62 11.57
CA ALA A 63 0.91 33.62 10.64
C ALA A 63 1.19 34.03 9.19
N SER A 64 1.03 35.33 8.89
CA SER A 64 1.20 35.81 7.53
C SER A 64 2.62 35.59 7.01
N HIS A 65 3.61 35.57 7.90
CA HIS A 65 4.96 35.23 7.44
C HIS A 65 5.05 33.76 7.07
N ILE A 66 4.31 32.89 7.76
CA ILE A 66 4.30 31.48 7.40
C ILE A 66 3.60 31.26 6.06
N GLN A 67 2.49 31.95 5.85
CA GLN A 67 1.80 31.84 4.57
C GLN A 67 2.69 32.32 3.41
N ALA A 68 3.42 33.41 3.62
CA ALA A 68 4.33 33.90 2.59
C ALA A 68 5.42 32.89 2.28
N ALA A 69 6.11 32.39 3.31
CA ALA A 69 7.15 31.39 3.10
C ALA A 69 6.59 30.15 2.45
N LEU A 70 5.36 29.78 2.80
CA LEU A 70 4.73 28.63 2.16
C LEU A 70 4.50 28.92 0.68
N TYR A 71 3.90 30.07 0.37
CA TYR A 71 3.51 30.37 -1.00
C TYR A 71 4.72 30.42 -1.91
N CYS A 72 5.76 31.15 -1.48
CA CYS A 72 6.97 31.25 -2.28
C CYS A 72 7.66 29.90 -2.41
N SER A 73 7.54 29.04 -1.39
CA SER A 73 8.29 27.79 -1.42
C SER A 73 7.72 26.82 -2.47
N GLN A 74 6.38 26.71 -2.56
CA GLN A 74 5.81 25.83 -3.57
C GLN A 74 5.91 26.46 -4.96
N LYS A 75 5.82 27.79 -5.05
CA LYS A 75 5.88 28.43 -6.36
C LYS A 75 7.19 28.09 -7.06
N HIS A 76 8.29 28.02 -6.30
CA HIS A 76 9.62 27.84 -6.89
C HIS A 76 10.30 26.56 -6.42
N GLY A 77 9.54 25.58 -5.92
CA GLY A 77 10.03 24.23 -5.71
C GLY A 77 11.13 24.06 -4.70
N GLU A 78 11.24 24.92 -3.70
CA GLU A 78 12.31 24.73 -2.73
C GLU A 78 11.70 24.02 -1.50
N GLN A 79 12.56 23.45 -0.64
CA GLN A 79 12.10 22.50 0.38
C GLN A 79 12.19 23.09 1.79
N MET A 80 11.12 22.91 2.57
CA MET A 80 10.99 23.44 3.92
C MET A 80 11.21 22.35 4.98
N ARG A 81 12.00 22.66 6.01
CA ARG A 81 12.04 21.86 7.23
C ARG A 81 11.51 22.73 8.37
N ILE A 82 10.46 22.26 9.05
CA ILE A 82 9.85 22.99 10.16
C ILE A 82 10.62 22.70 11.44
N ARG A 83 10.96 23.72 12.21
CA ARG A 83 11.63 23.52 13.48
C ARG A 83 10.94 24.33 14.57
N SER A 84 10.51 23.65 15.64
CA SER A 84 10.02 24.32 16.83
C SER A 84 11.09 24.26 17.92
N GLY A 85 11.12 23.18 18.69
CA GLY A 85 12.14 23.01 19.71
C GLY A 85 13.45 22.40 19.23
N GLY A 86 13.43 21.77 18.04
CA GLY A 86 14.61 21.11 17.53
C GLY A 86 14.97 19.78 18.17
N HIS A 87 14.07 19.17 18.93
CA HIS A 87 14.44 17.98 19.69
C HIS A 87 14.32 16.66 18.92
N ASP A 88 13.88 16.66 17.66
CA ASP A 88 13.84 15.43 16.88
C ASP A 88 15.17 14.68 17.00
N TYR A 89 15.09 13.41 17.41
CA TYR A 89 16.28 12.63 17.73
C TYR A 89 17.15 12.32 16.52
N GLU A 90 16.57 12.32 15.32
CA GLU A 90 17.33 12.19 14.09
C GLU A 90 17.63 13.54 13.43
N GLY A 91 17.33 14.65 14.11
CA GLY A 91 17.59 15.97 13.56
C GLY A 91 16.89 16.26 12.25
N LEU A 92 15.68 15.73 12.04
CA LEU A 92 15.02 15.96 10.78
C LEU A 92 14.51 17.39 10.62
N SER A 93 14.41 18.15 11.70
CA SER A 93 13.97 19.54 11.57
C SER A 93 15.09 20.47 11.13
N TYR A 94 16.32 19.98 10.93
CA TYR A 94 17.39 20.89 10.51
C TYR A 94 18.41 20.21 9.60
N GLN A 95 18.01 19.17 8.87
CA GLN A 95 18.89 18.45 7.97
C GLN A 95 18.10 18.00 6.75
N SER A 96 18.76 18.01 5.61
CA SER A 96 18.18 17.47 4.39
C SER A 96 19.30 17.11 3.44
N SER A 97 19.05 16.09 2.62
CA SER A 97 20.03 15.68 1.63
C SER A 97 20.01 16.58 0.40
N VAL A 98 18.93 17.33 0.20
CA VAL A 98 18.78 18.28 -0.90
C VAL A 98 18.76 19.69 -0.33
N PRO A 99 19.01 20.73 -1.13
CA PRO A 99 18.93 22.11 -0.61
C PRO A 99 17.58 22.40 0.05
N PHE A 100 17.65 23.01 1.24
CA PHE A 100 16.44 23.29 2.01
C PHE A 100 16.62 24.58 2.80
N PHE A 101 15.51 25.11 3.26
CA PHE A 101 15.52 26.15 4.27
C PHE A 101 14.77 25.65 5.51
N ILE A 102 15.07 26.27 6.65
CA ILE A 102 14.37 25.97 7.89
C ILE A 102 13.36 27.08 8.17
N LEU A 103 12.12 26.69 8.42
CA LEU A 103 11.12 27.59 8.98
C LEU A 103 11.15 27.40 10.49
N ASP A 104 11.79 28.35 11.18
CA ASP A 104 12.10 28.26 12.60
C ASP A 104 11.06 29.05 13.39
N LEU A 105 10.28 28.36 14.22
CA LEU A 105 9.08 28.93 14.84
C LEU A 105 9.33 29.54 16.22
N ARG A 106 10.59 29.69 16.63
CA ARG A 106 10.92 30.16 17.97
C ARG A 106 10.18 31.43 18.39
N ASN A 107 9.91 32.35 17.47
CA ASN A 107 9.29 33.61 17.89
C ASN A 107 7.78 33.54 17.94
N LEU A 108 7.18 32.38 17.69
CA LEU A 108 5.74 32.18 17.85
C LEU A 108 5.53 31.33 19.10
N SER A 109 5.58 31.97 20.26
CA SER A 109 5.56 31.22 21.50
C SER A 109 4.61 31.82 22.51
N SER A 110 3.49 32.37 22.05
CA SER A 110 2.54 32.99 22.98
C SER A 110 1.65 31.93 23.61
N ILE A 111 1.34 32.13 24.88
CA ILE A 111 0.54 31.19 25.66
C ILE A 111 -0.59 31.96 26.34
N SER A 112 -1.82 31.48 26.20
CA SER A 112 -2.92 32.02 26.99
C SER A 112 -3.62 30.89 27.72
N ILE A 113 -3.96 31.13 28.98
CA ILE A 113 -4.54 30.11 29.86
C ILE A 113 -5.89 30.57 30.36
N ASP A 114 -6.87 29.67 30.34
CA ASP A 114 -8.22 29.91 30.85
C ASP A 114 -8.44 28.93 31.99
N ALA A 115 -8.19 29.38 33.22
CA ALA A 115 -8.33 28.52 34.38
C ALA A 115 -9.76 28.01 34.55
N LYS A 116 -10.77 28.84 34.24
CA LYS A 116 -12.16 28.45 34.40
C LYS A 116 -12.47 27.15 33.63
N SER A 117 -12.30 27.19 32.30
CA SER A 117 -12.62 26.04 31.47
C SER A 117 -11.45 25.07 31.32
N LYS A 118 -10.39 25.25 32.11
CA LYS A 118 -9.25 24.34 32.16
C LYS A 118 -8.73 24.03 30.76
N SER A 119 -8.24 25.08 30.11
CA SER A 119 -7.77 24.97 28.75
C SER A 119 -6.68 26.02 28.54
N ALA A 120 -5.88 25.81 27.51
CA ALA A 120 -4.82 26.75 27.17
C ALA A 120 -4.62 26.74 25.66
N TRP A 121 -4.20 27.88 25.13
CA TRP A 121 -3.70 28.00 23.76
C TRP A 121 -2.19 28.17 23.84
N VAL A 122 -1.46 27.36 23.08
CA VAL A 122 0.00 27.39 23.07
C VAL A 122 0.47 27.44 21.64
N GLN A 123 1.27 28.44 21.31
CA GLN A 123 1.84 28.51 19.98
C GLN A 123 3.01 27.56 19.85
N ALA A 124 3.20 27.06 18.63
CA ALA A 124 4.10 25.93 18.38
C ALA A 124 5.54 26.20 18.82
N GLY A 125 5.98 27.46 18.79
CA GLY A 125 7.34 27.74 19.22
C GLY A 125 7.60 27.77 20.72
N ALA A 126 6.56 27.60 21.54
CA ALA A 126 6.77 27.54 22.99
C ALA A 126 7.38 26.20 23.40
N THR A 127 8.28 26.24 24.39
CA THR A 127 8.75 25.00 25.00
C THR A 127 7.75 24.51 26.05
N ILE A 128 7.89 23.23 26.43
CA ILE A 128 7.02 22.77 27.50
C ILE A 128 7.40 23.43 28.83
N GLY A 129 8.65 23.87 28.97
CA GLY A 129 9.02 24.63 30.15
C GLY A 129 8.24 25.92 30.29
N GLU A 130 8.05 26.65 29.18
CA GLU A 130 7.30 27.89 29.26
C GLU A 130 5.84 27.62 29.56
N LEU A 131 5.29 26.55 29.00
CA LEU A 131 3.92 26.15 29.31
C LEU A 131 3.74 25.79 30.79
N TYR A 132 4.63 24.95 31.34
CA TYR A 132 4.53 24.56 32.75
C TYR A 132 4.63 25.77 33.65
N TYR A 133 5.57 26.67 33.35
CA TYR A 133 5.70 27.91 34.11
C TYR A 133 4.38 28.68 34.12
N GLY A 134 3.80 28.89 32.92
CA GLY A 134 2.52 29.59 32.84
C GLY A 134 1.41 28.88 33.62
N ILE A 135 1.39 27.55 33.57
CA ILE A 135 0.36 26.81 34.31
C ILE A 135 0.57 26.96 35.82
N ALA A 136 1.82 26.91 36.28
CA ALA A 136 2.07 26.97 37.71
C ALA A 136 1.70 28.33 38.29
N LYS A 137 1.99 29.41 37.56
CA LYS A 137 1.61 30.75 37.98
C LYS A 137 0.10 30.95 38.03
N THR A 138 -0.69 29.99 37.56
CA THR A 138 -2.14 30.03 37.57
C THR A 138 -2.75 29.23 38.70
N SER A 139 -2.22 28.04 38.97
CA SER A 139 -2.72 27.14 39.98
C SER A 139 -1.73 26.00 40.15
N LEU A 140 -1.62 25.50 41.37
CA LEU A 140 -0.82 24.31 41.62
C LEU A 140 -1.64 23.03 41.50
N ASN A 141 -2.95 23.15 41.26
CA ASN A 141 -3.84 22.01 41.04
C ASN A 141 -4.04 21.73 39.55
N LEU A 142 -3.29 22.38 38.68
CA LEU A 142 -3.39 22.20 37.23
C LEU A 142 -2.08 21.64 36.68
N SER A 143 -2.21 20.70 35.75
CA SER A 143 -1.09 20.04 35.13
C SER A 143 -1.37 19.90 33.65
N PHE A 144 -0.33 19.54 32.90
CA PHE A 144 -0.52 19.08 31.56
C PHE A 144 0.53 18.00 31.34
N PRO A 145 0.15 16.83 30.82
CA PRO A 145 1.11 15.72 30.62
C PRO A 145 1.90 15.86 29.33
N GLY A 146 2.85 16.80 29.33
CA GLY A 146 3.89 16.83 28.33
C GLY A 146 5.03 15.92 28.77
N GLY A 147 6.13 16.01 28.06
CA GLY A 147 7.29 15.31 28.55
C GLY A 147 7.92 15.96 29.77
N VAL A 148 9.18 15.62 30.04
CA VAL A 148 9.88 16.15 31.20
C VAL A 148 10.82 17.28 30.79
N ALA A 149 11.77 16.99 29.89
CA ALA A 149 12.82 17.92 29.51
C ALA A 149 12.25 19.27 29.04
N HIS A 150 12.67 20.35 29.69
CA HIS A 150 11.92 21.60 29.63
C HIS A 150 12.06 22.37 28.32
N THR A 151 12.98 21.96 27.42
CA THR A 151 13.17 22.64 26.14
C THR A 151 12.46 21.96 24.97
N ILE A 152 11.73 20.87 25.20
CA ILE A 152 10.94 20.25 24.15
C ILE A 152 9.94 21.27 23.59
N GLY A 153 9.90 21.39 22.27
CA GLY A 153 8.91 22.27 21.65
C GLY A 153 7.53 21.63 21.61
N VAL A 154 6.51 22.45 21.86
CA VAL A 154 5.15 21.92 21.83
C VAL A 154 4.75 21.58 20.40
N GLY A 155 5.33 22.29 19.42
CA GLY A 155 5.03 22.03 18.03
C GLY A 155 5.22 20.57 17.69
N GLY A 156 6.45 20.07 17.86
CA GLY A 156 6.73 18.69 17.53
C GLY A 156 6.08 17.71 18.50
N GLN A 157 6.18 17.96 19.82
CA GLN A 157 5.77 16.98 20.82
C GLN A 157 4.31 16.61 20.66
N LEU A 158 3.41 17.60 20.62
CA LEU A 158 1.98 17.33 20.53
C LEU A 158 1.57 16.77 19.19
N GLY A 159 2.44 16.79 18.19
CA GLY A 159 2.06 16.17 16.94
C GLY A 159 2.49 14.73 16.80
N GLY A 160 3.19 14.21 17.81
CA GLY A 160 3.73 12.86 17.74
C GLY A 160 3.40 11.97 18.93
N GLY A 161 2.65 12.48 19.90
CA GLY A 161 2.33 11.70 21.09
C GLY A 161 2.59 12.42 22.40
N GLY A 162 3.77 12.19 23.00
CA GLY A 162 4.16 12.92 24.20
C GLY A 162 3.98 12.12 25.47
N TYR A 163 5.02 11.39 25.86
CA TYR A 163 5.03 10.51 27.02
C TYR A 163 5.80 11.15 28.16
N GLY A 164 5.34 10.89 29.39
CA GLY A 164 6.02 11.41 30.56
C GLY A 164 5.68 10.66 31.83
N TYR A 165 5.97 11.28 32.97
CA TYR A 165 5.72 10.67 34.27
C TYR A 165 4.25 10.54 34.61
N SER A 166 3.35 11.23 33.91
CA SER A 166 1.92 11.19 34.26
C SER A 166 1.08 10.59 33.14
N THR A 167 1.73 9.94 32.17
CA THR A 167 0.98 9.34 31.07
C THR A 167 0.04 8.24 31.55
N ARG A 168 0.47 7.42 32.54
CA ARG A 168 -0.41 6.36 33.04
C ARG A 168 -1.67 6.93 33.67
N LYS A 169 -1.62 8.17 34.17
CA LYS A 169 -2.79 8.83 34.73
C LYS A 169 -3.62 9.58 33.68
N TYR A 170 -2.96 10.26 32.72
CA TYR A 170 -3.67 11.16 31.83
C TYR A 170 -3.60 10.83 30.35
N GLY A 171 -2.82 9.82 29.95
CA GLY A 171 -2.55 9.62 28.53
C GLY A 171 -1.46 10.55 28.01
N LEU A 172 -1.18 10.40 26.71
CA LEU A 172 -0.19 11.20 26.03
C LEU A 172 -0.62 12.66 25.90
N ALA A 173 0.36 13.53 25.66
CA ALA A 173 0.06 14.92 25.35
C ALA A 173 -0.94 15.04 24.20
N SER A 174 -0.81 14.18 23.18
CA SER A 174 -1.74 14.20 22.05
C SER A 174 -3.17 13.84 22.47
N ASP A 175 -3.32 12.98 23.47
CA ASP A 175 -4.63 12.57 23.95
C ASP A 175 -5.39 13.72 24.58
N ASN A 176 -4.72 14.83 24.85
CA ASN A 176 -5.29 15.96 25.59
C ASN A 176 -5.28 17.26 24.78
N VAL A 177 -5.29 17.13 23.44
CA VAL A 177 -5.41 18.26 22.53
C VAL A 177 -6.87 18.39 22.13
N ILE A 178 -7.43 19.59 22.24
CA ILE A 178 -8.85 19.79 21.94
C ILE A 178 -9.09 20.72 20.75
N ASP A 179 -8.07 21.38 20.23
CA ASP A 179 -8.19 22.22 19.03
C ASP A 179 -6.77 22.49 18.55
N ALA A 180 -6.67 23.23 17.44
CA ALA A 180 -5.37 23.63 16.92
C ALA A 180 -5.59 24.60 15.77
N GLN A 181 -4.58 25.44 15.53
CA GLN A 181 -4.50 26.26 14.33
C GLN A 181 -3.47 25.63 13.40
N LEU A 182 -3.92 25.20 12.22
CA LEU A 182 -3.05 24.53 11.25
C LEU A 182 -3.07 25.31 9.94
N ILE A 183 -1.90 25.49 9.34
CA ILE A 183 -1.79 26.12 8.04
C ILE A 183 -1.50 25.01 7.03
N ASP A 184 -2.44 24.78 6.11
CA ASP A 184 -2.30 23.73 5.13
C ASP A 184 -1.50 24.23 3.93
N ALA A 185 -1.29 23.34 2.95
CA ALA A 185 -0.42 23.66 1.82
C ALA A 185 -0.96 24.85 1.02
N ARG A 186 -2.28 25.03 0.98
CA ARG A 186 -2.87 26.17 0.30
C ARG A 186 -2.78 27.47 1.09
N GLY A 187 -2.15 27.48 2.25
CA GLY A 187 -2.01 28.70 3.03
C GLY A 187 -3.22 29.08 3.83
N ARG A 188 -4.24 28.23 3.91
CA ARG A 188 -5.41 28.50 4.73
C ARG A 188 -5.11 28.23 6.20
N ILE A 189 -5.54 29.15 7.05
CA ILE A 189 -5.44 28.97 8.49
C ILE A 189 -6.73 28.30 8.96
N LEU A 190 -6.60 27.06 9.39
CA LEU A 190 -7.75 26.24 9.78
C LEU A 190 -7.71 25.93 11.27
N ASP A 191 -8.88 25.67 11.83
CA ASP A 191 -8.94 25.08 13.15
C ASP A 191 -9.77 23.80 13.05
N ARG A 192 -10.09 23.22 14.21
CA ARG A 192 -10.75 21.93 14.22
C ARG A 192 -12.05 21.98 13.44
N LYS A 193 -12.84 23.04 13.62
CA LYS A 193 -14.12 23.12 12.92
C LYS A 193 -13.93 23.10 11.41
N THR A 194 -13.02 23.92 10.89
CA THR A 194 -12.86 24.02 9.45
C THR A 194 -11.90 23.00 8.84
N MET A 195 -10.94 22.48 9.61
CA MET A 195 -10.08 21.44 9.05
C MET A 195 -10.82 20.11 8.94
N GLY A 196 -11.85 19.90 9.75
CA GLY A 196 -12.58 18.65 9.75
C GLY A 196 -11.91 17.60 10.62
N GLU A 197 -12.70 16.56 10.95
CA GLU A 197 -12.28 15.61 11.98
C GLU A 197 -11.18 14.67 11.50
N ASP A 198 -11.13 14.35 10.20
CA ASP A 198 -10.09 13.47 9.71
C ASP A 198 -8.71 14.09 9.89
N LEU A 199 -8.56 15.35 9.51
CA LEU A 199 -7.29 16.04 9.63
C LEU A 199 -6.96 16.35 11.09
N PHE A 200 -7.97 16.64 11.91
CA PHE A 200 -7.68 16.88 13.32
C PHE A 200 -7.29 15.58 14.01
N TRP A 201 -7.79 14.44 13.56
CA TRP A 201 -7.28 13.13 13.99
C TRP A 201 -5.81 12.98 13.62
N ALA A 202 -5.47 13.26 12.35
CA ALA A 202 -4.16 12.92 11.82
C ALA A 202 -3.04 13.73 12.47
N ILE A 203 -3.29 15.00 12.76
CA ILE A 203 -2.21 15.81 13.34
C ILE A 203 -1.95 15.49 14.80
N ARG A 204 -2.84 14.73 15.47
CA ARG A 204 -2.71 14.46 16.91
C ARG A 204 -1.96 13.15 17.15
N GLY A 205 -0.69 13.15 16.78
CA GLY A 205 0.13 11.97 16.90
C GLY A 205 0.52 11.31 15.59
N GLY A 206 -0.06 11.71 14.45
CA GLY A 206 0.34 11.16 13.16
C GLY A 206 1.57 11.80 12.55
N GLY A 207 2.15 12.78 13.23
CA GLY A 207 3.26 13.55 12.68
C GLY A 207 2.69 14.72 11.90
N ALA A 208 2.35 15.80 12.61
CA ALA A 208 1.65 16.92 12.00
C ALA A 208 2.40 17.52 10.82
N GLY A 209 3.73 17.49 10.84
CA GLY A 209 4.53 18.07 9.77
C GLY A 209 4.39 17.39 8.43
N SER A 210 3.71 16.24 8.38
CA SER A 210 3.32 15.65 7.10
C SER A 210 2.12 16.34 6.48
N PHE A 211 1.34 17.08 7.26
CA PHE A 211 0.05 17.58 6.83
C PHE A 211 -0.04 19.09 6.76
N GLY A 212 0.72 19.80 7.57
CA GLY A 212 0.63 21.24 7.60
C GLY A 212 1.58 21.80 8.64
N ILE A 213 1.52 23.11 8.82
CA ILE A 213 2.30 23.78 9.84
C ILE A 213 1.36 24.10 10.98
N VAL A 214 1.56 23.41 12.11
CA VAL A 214 0.77 23.74 13.30
C VAL A 214 1.24 25.09 13.84
N LEU A 215 0.32 26.04 13.91
CA LEU A 215 0.58 27.36 14.46
C LEU A 215 0.38 27.38 15.97
N ALA A 216 -0.66 26.71 16.47
CA ALA A 216 -0.91 26.68 17.90
C ALA A 216 -1.75 25.46 18.23
N TRP A 217 -1.56 24.97 19.45
CA TRP A 217 -2.35 23.86 19.97
C TRP A 217 -3.26 24.36 21.08
N LYS A 218 -4.46 23.81 21.14
CA LYS A 218 -5.34 24.02 22.29
C LYS A 218 -5.41 22.73 23.10
N ILE A 219 -5.11 22.82 24.39
CA ILE A 219 -4.97 21.64 25.25
C ILE A 219 -5.98 21.69 26.39
N ARG A 220 -6.38 20.51 26.83
CA ARG A 220 -7.09 20.33 28.10
C ARG A 220 -6.08 20.35 29.25
N LEU A 221 -6.30 21.24 30.22
CA LEU A 221 -5.55 21.19 31.47
C LEU A 221 -6.22 20.21 32.42
N VAL A 222 -5.40 19.40 33.09
CA VAL A 222 -5.89 18.32 33.92
C VAL A 222 -5.74 18.69 35.38
N ASN A 223 -6.56 18.08 36.22
CA ASN A 223 -6.50 18.31 37.66
C ASN A 223 -5.49 17.36 38.27
N THR A 224 -4.59 17.92 39.07
CA THR A 224 -3.59 17.19 39.82
C THR A 224 -3.73 17.57 41.29
N PRO A 225 -3.39 16.66 42.21
CA PRO A 225 -3.29 17.07 43.61
C PRO A 225 -2.21 18.13 43.73
N SER A 226 -2.39 19.02 44.70
CA SER A 226 -1.46 20.12 44.84
C SER A 226 -0.05 19.65 45.20
N THR A 227 0.07 18.51 45.87
CA THR A 227 1.39 17.98 46.15
C THR A 227 1.52 16.58 45.59
N VAL A 228 2.72 16.29 45.16
CA VAL A 228 3.10 15.08 44.45
C VAL A 228 4.27 14.48 45.24
N THR A 229 4.46 13.17 45.14
CA THR A 229 5.61 12.52 45.75
C THR A 229 6.47 11.86 44.68
N ILE A 230 7.77 12.12 44.72
CA ILE A 230 8.74 11.46 43.87
C ILE A 230 9.60 10.56 44.75
N PHE A 231 10.20 9.54 44.13
CA PHE A 231 11.36 8.92 44.76
C PHE A 231 12.45 8.68 43.73
N GLU A 232 13.70 8.84 44.19
CA GLU A 232 14.93 8.54 43.45
C GLU A 232 15.57 7.36 44.19
N ALA A 233 15.86 6.27 43.49
CA ALA A 233 16.46 5.10 44.15
C ALA A 233 17.48 4.42 43.27
N VAL A 234 18.59 4.02 43.86
CA VAL A 234 19.65 3.30 43.16
C VAL A 234 19.81 1.94 43.82
N ARG A 235 19.89 0.90 43.00
CA ARG A 235 20.10 -0.45 43.47
C ARG A 235 21.23 -1.08 42.66
N SER A 236 21.84 -2.11 43.22
CA SER A 236 22.83 -2.89 42.50
C SER A 236 22.13 -4.01 41.73
N TRP A 237 22.41 -4.10 40.42
CA TRP A 237 21.85 -5.20 39.65
C TRP A 237 22.37 -6.56 40.11
N GLU A 238 23.57 -6.62 40.71
CA GLU A 238 24.08 -7.88 41.23
C GLU A 238 23.28 -8.38 42.43
N ASN A 239 22.63 -7.48 43.16
CA ASN A 239 21.75 -7.84 44.27
C ASN A 239 20.59 -8.68 43.76
N ASN A 240 20.50 -9.93 44.25
CA ASN A 240 19.47 -10.85 43.78
C ASN A 240 18.07 -10.40 44.15
N THR A 241 17.93 -9.60 45.20
CA THR A 241 16.62 -9.07 45.54
C THR A 241 16.17 -7.99 44.54
N THR A 242 17.11 -7.23 44.00
CA THR A 242 16.69 -6.27 42.98
C THR A 242 16.33 -6.99 41.68
N LYS A 243 17.01 -8.10 41.37
CA LYS A 243 16.63 -8.93 40.23
C LYS A 243 15.19 -9.41 40.36
N LYS A 244 14.79 -9.82 41.58
CA LYS A 244 13.38 -10.13 41.83
C LYS A 244 12.50 -8.90 41.61
N PHE A 245 12.98 -7.71 41.99
CA PHE A 245 12.16 -6.53 41.79
C PHE A 245 11.93 -6.25 40.30
N ILE A 246 12.96 -6.40 39.49
CA ILE A 246 12.82 -6.18 38.04
C ILE A 246 11.91 -7.24 37.44
N ARG A 247 11.97 -8.48 37.95
CA ARG A 247 11.04 -9.51 37.51
C ARG A 247 9.60 -9.09 37.77
N ARG A 248 9.32 -8.64 38.99
CA ARG A 248 7.99 -8.17 39.34
C ARG A 248 7.61 -6.92 38.56
N TYR A 249 8.56 -6.00 38.38
CA TYR A 249 8.29 -4.74 37.67
C TYR A 249 7.75 -4.99 36.27
N GLN A 250 8.39 -5.90 35.52
CA GLN A 250 7.95 -6.20 34.16
C GLN A 250 6.47 -6.52 34.09
N ARG A 251 5.96 -7.25 35.10
CA ARG A 251 4.58 -7.70 35.11
C ARG A 251 3.65 -6.72 35.79
N ARG A 252 4.16 -5.90 36.70
CA ARG A 252 3.27 -5.12 37.53
C ARG A 252 3.31 -3.62 37.29
N ALA A 253 4.42 -3.07 36.76
CA ALA A 253 4.49 -1.61 36.61
C ALA A 253 3.38 -1.06 35.72
N SER A 254 2.97 -1.80 34.70
CA SER A 254 1.87 -1.30 33.88
C SER A 254 0.50 -1.53 34.50
N LYS A 255 0.40 -2.31 35.59
CA LYS A 255 -0.90 -2.66 36.15
C LYS A 255 -1.16 -2.13 37.54
N THR A 256 -0.21 -1.44 38.16
CA THR A 256 -0.42 -0.86 39.49
C THR A 256 -1.29 0.40 39.37
N ASP A 257 -1.53 1.06 40.50
CA ASP A 257 -2.31 2.29 40.59
C ASP A 257 -1.92 3.28 39.48
N LYS A 258 -2.91 3.78 38.77
CA LYS A 258 -2.62 4.70 37.66
C LYS A 258 -1.95 5.98 38.14
N ASP A 259 -2.01 6.28 39.44
CA ASP A 259 -1.37 7.48 39.98
C ASP A 259 0.13 7.33 40.13
N LEU A 260 0.68 6.14 39.89
CA LEU A 260 2.08 5.85 40.09
C LEU A 260 2.74 5.45 38.77
N THR A 261 3.80 6.15 38.39
CA THR A 261 4.59 5.74 37.23
C THR A 261 6.03 5.59 37.68
N ILE A 262 6.62 4.42 37.44
CA ILE A 262 7.99 4.12 37.84
C ILE A 262 8.82 3.87 36.59
N PHE A 263 9.91 4.62 36.43
CA PHE A 263 10.90 4.41 35.37
C PHE A 263 12.07 3.60 35.93
N VAL A 264 12.61 2.70 35.10
CA VAL A 264 13.77 1.91 35.45
C VAL A 264 14.85 2.15 34.38
N GLY A 265 16.09 2.34 34.83
CA GLY A 265 17.21 2.45 33.92
C GLY A 265 18.39 1.61 34.39
N PHE A 266 19.25 1.24 33.43
CA PHE A 266 20.45 0.46 33.70
C PHE A 266 21.66 1.10 33.03
N ARG A 267 22.74 1.26 33.78
CA ARG A 267 24.03 1.67 33.22
C ARG A 267 25.14 1.12 34.11
N THR A 268 26.33 1.00 33.54
CA THR A 268 27.47 0.57 34.33
C THR A 268 28.08 1.77 35.05
N THR A 269 28.82 1.47 36.13
CA THR A 269 29.41 2.53 36.94
C THR A 269 30.81 2.17 37.41
N SER A 270 31.53 3.21 37.83
CA SER A 270 32.83 3.16 38.50
C SER A 270 33.84 2.29 37.78
N ARG A 279 35.15 -2.24 40.48
CA ARG A 279 35.62 -2.21 39.09
C ARG A 279 34.51 -2.67 38.15
N ILE A 280 33.68 -1.70 37.74
CA ILE A 280 32.65 -1.80 36.70
C ILE A 280 31.53 -2.75 37.08
N SER A 281 30.39 -2.21 37.48
CA SER A 281 29.19 -3.01 37.69
C SER A 281 27.97 -2.25 37.16
N ILE A 282 26.86 -2.94 37.07
CA ILE A 282 25.62 -2.38 36.53
C ILE A 282 24.77 -1.81 37.67
N LEU A 283 24.36 -0.55 37.52
CA LEU A 283 23.40 0.07 38.41
C LEU A 283 21.98 -0.05 37.86
N THR A 284 21.03 -0.32 38.74
CA THR A 284 19.60 -0.23 38.47
C THR A 284 19.09 1.09 39.02
N ILE A 285 18.66 1.98 38.12
CA ILE A 285 18.17 3.32 38.48
C ILE A 285 16.65 3.29 38.48
N VAL A 286 16.03 3.72 39.58
CA VAL A 286 14.58 3.65 39.74
C VAL A 286 14.09 5.03 40.18
N SER A 287 13.18 5.63 39.39
CA SER A 287 12.61 6.92 39.71
C SER A 287 11.11 6.91 39.40
N ALA A 288 10.37 7.81 40.03
CA ALA A 288 8.92 7.72 39.99
C ALA A 288 8.29 9.04 40.41
N THR A 289 7.07 9.26 39.92
CA THR A 289 6.19 10.30 40.44
C THR A 289 4.87 9.65 40.81
N PHE A 290 4.34 10.06 41.95
CA PHE A 290 3.09 9.55 42.50
C PHE A 290 2.18 10.73 42.73
N HIS A 291 0.98 10.68 42.15
CA HIS A 291 -0.01 11.73 42.38
C HIS A 291 -0.73 11.37 43.68
N GLY A 292 -0.09 11.73 44.79
CA GLY A 292 -0.56 11.38 46.11
C GLY A 292 0.51 11.64 47.15
N SER A 293 0.18 11.30 48.39
CA SER A 293 1.02 11.63 49.53
C SER A 293 2.15 10.62 49.69
N LYS A 294 3.14 11.00 50.51
CA LYS A 294 4.26 10.13 50.79
C LYS A 294 3.84 8.88 51.56
N ASP A 295 2.98 9.04 52.58
CA ASP A 295 2.50 7.86 53.33
C ASP A 295 1.77 6.89 52.44
N ARG A 296 0.97 7.40 51.52
CA ARG A 296 0.27 6.51 50.61
C ARG A 296 1.23 5.88 49.61
N LEU A 297 2.27 6.61 49.20
CA LEU A 297 3.25 6.04 48.28
C LEU A 297 3.99 4.86 48.93
N LEU A 298 4.41 5.04 50.19
CA LEU A 298 5.18 4.00 50.86
C LEU A 298 4.32 2.76 51.13
N GLN A 299 3.07 2.96 51.52
CA GLN A 299 2.15 1.83 51.70
C GLN A 299 1.96 1.06 50.39
N LEU A 300 1.78 1.77 49.28
CA LEU A 300 1.51 1.11 48.00
C LEU A 300 2.74 0.35 47.50
N VAL A 301 3.90 1.03 47.48
CA VAL A 301 5.08 0.39 46.92
C VAL A 301 5.53 -0.78 47.79
N GLN A 302 5.34 -0.71 49.10
CA GLN A 302 5.76 -1.83 49.93
C GLN A 302 4.82 -3.02 49.79
N LYS A 303 3.53 -2.77 49.53
CA LYS A 303 2.61 -3.88 49.28
C LYS A 303 2.78 -4.48 47.89
N GLU A 304 3.09 -3.67 46.88
CA GLU A 304 3.13 -4.18 45.51
C GLU A 304 4.54 -4.41 44.97
N PHE A 305 5.54 -3.64 45.41
CA PHE A 305 6.93 -3.84 44.97
C PHE A 305 7.85 -4.01 46.20
N PRO A 306 7.63 -5.03 47.02
CA PRO A 306 8.42 -5.14 48.27
C PRO A 306 9.92 -5.35 48.03
N ASP A 307 10.30 -6.03 46.94
CA ASP A 307 11.71 -6.31 46.71
C ASP A 307 12.51 -5.07 46.33
N LEU A 308 11.86 -3.94 46.07
CA LEU A 308 12.58 -2.70 45.87
C LEU A 308 13.16 -2.17 47.18
N GLY A 309 12.52 -2.51 48.31
CA GLY A 309 12.93 -2.02 49.61
C GLY A 309 12.97 -0.52 49.70
N LEU A 310 11.88 0.13 49.27
CA LEU A 310 11.84 1.58 49.25
C LEU A 310 11.82 2.11 50.68
N VAL A 311 12.71 3.04 50.99
CA VAL A 311 12.77 3.67 52.31
C VAL A 311 12.30 5.11 52.20
N SER A 312 11.73 5.61 53.30
CA SER A 312 11.13 6.95 53.26
C SER A 312 12.13 8.01 52.87
N GLU A 313 13.43 7.79 53.15
CA GLU A 313 14.43 8.78 52.78
C GLU A 313 14.59 8.90 51.27
N GLU A 314 14.09 7.94 50.50
CA GLU A 314 14.13 8.01 49.05
C GLU A 314 13.00 8.88 48.48
N CYS A 315 11.98 9.20 49.28
CA CYS A 315 10.76 9.88 48.82
C CYS A 315 10.71 11.34 49.25
N THR A 316 10.17 12.19 48.38
CA THR A 316 10.06 13.63 48.65
C THR A 316 8.75 14.15 48.11
N GLU A 317 7.98 14.83 48.98
CA GLU A 317 6.76 15.51 48.59
C GLU A 317 7.09 16.92 48.12
N MET A 318 6.41 17.37 47.07
CA MET A 318 6.65 18.66 46.44
C MET A 318 5.50 18.90 45.47
N SER A 319 5.46 20.12 44.92
CA SER A 319 4.45 20.40 43.92
C SER A 319 4.83 19.74 42.60
N TRP A 320 3.81 19.52 41.76
CA TRP A 320 4.02 18.86 40.49
C TRP A 320 5.05 19.60 39.64
N VAL A 321 4.97 20.94 39.57
CA VAL A 321 5.97 21.66 38.75
C VAL A 321 7.36 21.55 39.36
N ARG A 322 7.46 21.50 40.69
CA ARG A 322 8.77 21.27 41.30
C ARG A 322 9.30 19.88 40.98
N SER A 323 8.43 18.88 40.89
CA SER A 323 8.90 17.57 40.46
C SER A 323 9.46 17.65 39.03
N ILE A 324 8.83 18.44 38.16
CA ILE A 324 9.39 18.65 36.82
C ILE A 324 10.78 19.27 36.91
N ILE A 325 10.92 20.30 37.74
CA ILE A 325 12.20 20.99 37.88
C ILE A 325 13.28 20.07 38.41
N HIS A 326 12.93 19.19 39.36
CA HIS A 326 13.92 18.25 39.89
C HIS A 326 14.38 17.25 38.82
N PHE A 327 13.45 16.70 38.04
CA PHE A 327 13.84 15.71 37.05
C PHE A 327 14.55 16.33 35.84
N ASN A 328 14.54 17.65 35.72
CA ASN A 328 15.39 18.37 34.78
C ASN A 328 16.78 18.65 35.35
N LEU A 329 17.09 18.09 36.53
CA LEU A 329 18.40 18.15 37.17
C LEU A 329 18.75 19.55 37.68
N PHE A 330 17.74 20.31 38.14
CA PHE A 330 17.97 21.48 38.98
C PHE A 330 17.77 21.09 40.45
N GLY A 331 17.92 22.07 41.34
CA GLY A 331 17.38 21.96 42.69
C GLY A 331 18.19 21.23 43.74
N ASP A 332 17.50 20.47 44.61
CA ASP A 332 18.01 19.94 45.87
C ASP A 332 18.37 21.09 46.81
N GLU A 333 19.10 22.08 46.32
CA GLU A 333 19.08 23.45 46.83
C GLU A 333 18.44 24.28 45.71
N VAL A 334 17.13 24.51 45.85
CA VAL A 334 16.24 24.75 44.70
C VAL A 334 16.51 26.11 44.08
N PRO A 335 16.41 26.25 42.74
CA PRO A 335 16.53 27.56 42.10
C PRO A 335 15.16 28.18 41.84
N LEU A 336 15.14 29.36 41.23
CA LEU A 336 13.87 30.01 40.97
C LEU A 336 13.02 29.21 39.98
N GLU A 337 11.71 29.37 40.10
CA GLU A 337 10.79 28.75 39.15
C GLU A 337 11.00 29.23 37.72
N VAL A 338 11.54 30.43 37.53
CA VAL A 338 11.78 31.00 36.21
C VAL A 338 12.91 30.23 35.51
N LEU A 339 13.40 29.16 36.16
CA LEU A 339 14.32 28.24 35.49
C LEU A 339 13.69 27.64 34.24
N LEU A 340 12.40 27.33 34.28
CA LEU A 340 11.75 26.67 33.16
C LEU A 340 11.78 27.51 31.89
N ASN A 341 12.12 28.80 31.98
CA ASN A 341 12.19 29.70 30.84
C ASN A 341 13.56 29.75 30.17
N ARG A 342 14.60 29.20 30.80
CA ARG A 342 15.95 29.37 30.28
C ARG A 342 16.20 28.29 29.23
N THR A 343 15.99 28.64 27.97
CA THR A 343 16.23 27.68 26.90
C THR A 343 17.68 27.66 26.46
N LEU A 344 18.57 28.34 27.19
CA LEU A 344 19.99 28.47 26.80
C LEU A 344 20.78 27.28 27.35
N ASN A 345 20.50 26.12 26.78
CA ASN A 345 21.09 24.87 27.24
C ASN A 345 22.11 24.34 26.25
N MET A 348 27.97 17.96 26.70
CA MET A 348 26.79 17.82 25.84
C MET A 348 27.08 16.80 24.74
N LYS A 349 26.77 15.54 25.03
CA LYS A 349 27.26 14.40 24.27
C LYS A 349 26.34 14.02 23.11
N ALA A 350 26.94 13.42 22.08
CA ALA A 350 26.20 12.85 20.97
C ALA A 350 25.57 11.53 21.38
N PHE A 351 24.41 11.21 20.78
CA PHE A 351 23.72 9.99 21.15
C PHE A 351 22.94 9.42 19.98
N LYS A 352 22.68 8.13 20.08
CA LYS A 352 21.77 7.43 19.20
C LYS A 352 20.83 6.61 20.08
N LEU A 353 19.54 6.56 19.73
CA LEU A 353 18.63 5.72 20.48
C LEU A 353 17.64 5.03 19.55
N ARG A 354 17.16 3.88 20.02
CA ARG A 354 16.10 3.10 19.40
C ARG A 354 15.18 2.66 20.52
N SER A 355 14.03 2.10 20.15
CA SER A 355 13.10 1.68 21.19
C SER A 355 12.27 0.52 20.67
N ASP A 356 11.62 -0.16 21.61
CA ASP A 356 10.85 -1.36 21.35
C ASP A 356 9.65 -1.38 22.28
N TYR A 357 8.59 -2.05 21.85
CA TYR A 357 7.45 -2.32 22.71
C TYR A 357 7.55 -3.76 23.22
N VAL A 358 7.43 -3.93 24.53
CA VAL A 358 7.46 -5.24 25.16
C VAL A 358 6.04 -5.58 25.60
N GLN A 359 5.55 -6.74 25.16
CA GLN A 359 4.19 -7.19 25.44
C GLN A 359 4.15 -8.47 26.26
N LYS A 360 5.26 -9.19 26.35
CA LYS A 360 5.48 -10.35 27.19
C LYS A 360 6.78 -10.13 27.95
N PRO A 361 6.83 -10.46 29.24
CA PRO A 361 8.06 -10.22 30.01
C PRO A 361 9.28 -10.85 29.35
N ILE A 362 10.35 -10.09 29.28
CA ILE A 362 11.63 -10.63 28.82
C ILE A 362 12.06 -11.73 29.78
N PRO A 363 12.40 -12.92 29.29
CA PRO A 363 12.90 -13.96 30.19
C PRO A 363 14.15 -13.50 30.94
N ASP A 364 14.27 -13.94 32.18
CA ASP A 364 15.36 -13.52 33.07
C ASP A 364 16.72 -13.70 32.41
N ASP A 365 16.97 -14.86 31.79
CA ASP A 365 18.27 -15.09 31.16
C ASP A 365 18.49 -14.15 29.98
N VAL A 366 17.43 -13.79 29.28
CA VAL A 366 17.55 -12.88 28.15
C VAL A 366 17.89 -11.46 28.63
N LEU A 367 17.22 -11.02 29.70
CA LEU A 367 17.54 -9.71 30.26
C LEU A 367 18.99 -9.63 30.73
N GLU A 368 19.50 -10.72 31.32
CA GLU A 368 20.90 -10.74 31.75
C GLU A 368 21.82 -10.55 30.54
N LYS A 369 21.61 -11.32 29.48
CA LYS A 369 22.45 -11.14 28.29
C LYS A 369 22.29 -9.73 27.72
N LEU A 370 21.06 -9.20 27.71
CA LEU A 370 20.86 -7.82 27.24
C LEU A 370 21.73 -6.86 28.03
N LEU A 371 21.60 -6.88 29.36
CA LEU A 371 22.31 -5.91 30.20
C LEU A 371 23.81 -6.13 30.18
N SER A 372 24.26 -7.37 29.98
CA SER A 372 25.70 -7.64 29.87
C SER A 372 26.35 -6.91 28.71
N LYS A 373 25.57 -6.48 27.72
CA LYS A 373 26.13 -5.73 26.61
C LYS A 373 26.58 -4.34 27.02
N LEU A 374 26.11 -3.83 28.17
CA LEU A 374 26.60 -2.53 28.63
C LEU A 374 28.08 -2.54 28.94
N TYR A 375 28.64 -3.68 29.37
CA TYR A 375 30.08 -3.77 29.61
C TYR A 375 30.88 -3.56 28.34
N ASP A 376 30.31 -3.92 27.18
CA ASP A 376 31.03 -3.79 25.93
C ASP A 376 31.15 -2.36 25.45
N GLU A 377 30.38 -1.43 26.02
CA GLU A 377 30.58 -0.01 25.77
C GLU A 377 31.34 0.61 26.94
N GLU A 378 31.89 1.79 26.70
CA GLU A 378 32.67 2.43 27.75
C GLU A 378 31.77 2.93 28.89
N THR A 379 32.34 2.99 30.08
CA THR A 379 31.58 3.04 31.33
C THR A 379 30.55 4.16 31.36
N GLY A 380 29.30 3.80 31.63
CA GLY A 380 28.21 4.74 31.69
C GLY A 380 27.69 5.26 30.36
N GLU A 381 28.29 4.86 29.22
CA GLU A 381 27.82 5.39 27.94
C GLU A 381 26.54 4.70 27.46
N GLY A 382 26.45 3.38 27.61
CA GLY A 382 25.23 2.68 27.27
C GLY A 382 24.14 2.93 28.30
N TYR A 383 22.88 2.84 27.85
CA TYR A 383 21.75 3.07 28.74
C TYR A 383 20.54 2.32 28.20
N ILE A 384 19.92 1.52 29.07
CA ILE A 384 18.71 0.77 28.77
C ILE A 384 17.63 1.21 29.76
N GLU A 385 16.47 1.65 29.25
CA GLU A 385 15.41 2.22 30.08
C GLU A 385 14.06 1.55 29.81
N PHE A 386 13.25 1.42 30.87
CA PHE A 386 11.86 0.95 30.79
C PHE A 386 10.89 2.09 31.09
N PHE A 387 9.91 2.29 30.22
CA PHE A 387 8.85 3.28 30.45
C PHE A 387 7.50 2.56 30.45
N PRO A 388 6.83 2.41 31.61
CA PRO A 388 5.64 1.56 31.65
C PRO A 388 4.44 2.18 30.94
N TYR A 389 3.62 1.31 30.37
CA TYR A 389 2.40 1.66 29.64
C TYR A 389 1.25 0.87 30.24
N GLY A 390 0.65 1.36 31.28
CA GLY A 390 -0.68 0.83 31.53
C GLY A 390 -1.65 1.97 31.82
N GLY A 391 -2.52 1.72 32.80
CA GLY A 391 -3.36 2.79 33.32
C GLY A 391 -4.24 3.36 32.21
N LYS A 392 -4.27 4.70 32.12
CA LYS A 392 -5.08 5.35 31.09
C LYS A 392 -4.75 4.85 29.69
N MET A 393 -3.47 4.57 29.43
CA MET A 393 -3.08 4.09 28.10
C MET A 393 -3.85 2.84 27.70
N SER A 394 -4.29 2.05 28.66
CA SER A 394 -5.08 0.85 28.38
C SER A 394 -6.57 1.11 28.24
N LYS A 395 -7.05 2.31 28.59
CA LYS A 395 -8.47 2.64 28.47
C LYS A 395 -8.79 3.40 27.20
N ILE A 396 -7.80 3.65 26.34
CA ILE A 396 -7.96 4.44 25.15
C ILE A 396 -7.80 3.50 23.96
N SER A 397 -8.68 3.63 22.97
CA SER A 397 -8.62 2.70 21.86
C SER A 397 -7.41 2.95 20.98
N GLU A 398 -7.05 1.94 20.18
CA GLU A 398 -5.89 2.00 19.31
C GLU A 398 -6.06 2.98 18.14
N SER A 399 -7.26 3.50 17.91
CA SER A 399 -7.46 4.42 16.79
C SER A 399 -8.12 5.71 17.24
N GLU A 400 -8.26 5.92 18.53
CA GLU A 400 -8.71 7.22 19.00
C GLU A 400 -7.84 8.33 18.43
N ILE A 401 -6.52 8.10 18.36
CA ILE A 401 -5.62 8.98 17.63
C ILE A 401 -4.69 8.05 16.83
N PRO A 402 -3.83 8.56 15.94
CA PRO A 402 -3.00 7.63 15.14
C PRO A 402 -2.04 6.78 15.97
N PHE A 403 -1.69 7.19 17.19
CA PHE A 403 -0.86 6.38 18.09
C PHE A 403 -1.56 5.10 18.53
N PRO A 404 -1.03 3.92 18.23
CA PRO A 404 -1.79 2.69 18.43
C PRO A 404 -1.32 1.75 19.55
N TYR A 405 -0.32 2.15 20.35
CA TYR A 405 0.24 1.25 21.36
C TYR A 405 -0.46 1.47 22.69
N ARG A 406 -1.52 0.68 22.91
CA ARG A 406 -2.40 0.86 24.06
C ARG A 406 -2.40 -0.44 24.85
N ALA A 407 -3.56 -1.07 25.05
CA ALA A 407 -3.64 -2.28 25.86
C ALA A 407 -2.77 -3.39 25.30
N GLY A 408 -2.19 -4.18 26.21
CA GLY A 408 -1.31 -5.27 25.86
C GLY A 408 0.16 -4.91 25.85
N ASN A 409 0.52 -3.66 26.08
CA ASN A 409 1.91 -3.24 26.10
C ASN A 409 2.34 -3.04 27.56
N LEU A 410 3.36 -3.78 27.97
CA LEU A 410 3.87 -3.65 29.32
C LEU A 410 4.68 -2.37 29.46
N TYR A 411 5.63 -2.15 28.55
CA TYR A 411 6.43 -0.95 28.64
C TYR A 411 7.13 -0.73 27.31
N ASN A 412 7.60 0.50 27.16
CA ASN A 412 8.49 0.85 26.06
C ASN A 412 9.93 0.68 26.56
N LEU A 413 10.74 -0.07 25.80
CA LEU A 413 12.13 -0.33 26.12
C LEU A 413 13.00 0.56 25.22
N ARG A 414 13.78 1.45 25.80
CA ARG A 414 14.62 2.32 25.01
C ARG A 414 16.09 1.95 25.18
N TYR A 415 16.79 1.82 24.05
CA TYR A 415 18.23 1.64 23.99
C TYR A 415 18.89 2.97 23.66
N MET A 416 19.96 3.30 24.37
CA MET A 416 20.66 4.54 24.08
C MET A 416 22.15 4.36 24.29
N VAL A 417 22.96 4.95 23.40
CA VAL A 417 24.40 5.03 23.56
C VAL A 417 24.81 6.48 23.32
N SER A 418 25.68 7.00 24.19
CA SER A 418 26.17 8.37 24.11
C SER A 418 27.69 8.37 23.96
N TRP A 419 28.24 9.43 23.37
CA TRP A 419 29.69 9.50 23.14
C TRP A 419 30.11 10.93 22.85
N LYS A 420 31.41 11.16 22.98
CA LYS A 420 32.04 12.41 22.56
C LYS A 420 32.67 12.19 21.19
N ASP A 421 32.41 13.11 20.27
CA ASP A 421 32.76 12.89 18.87
C ASP A 421 34.18 13.39 18.61
N ASP A 422 35.09 12.45 18.29
CA ASP A 422 36.49 12.75 18.00
C ASP A 422 36.71 13.37 16.63
N GLY A 423 35.67 13.39 15.78
CA GLY A 423 35.84 13.53 14.34
C GLY A 423 36.00 12.20 13.62
N ASN A 424 36.37 11.14 14.35
CA ASN A 424 36.72 9.84 13.79
C ASN A 424 35.46 9.07 13.43
N ILE A 425 35.18 8.94 12.13
CA ILE A 425 34.01 8.20 11.67
C ILE A 425 34.06 6.75 12.17
N THR A 426 35.24 6.14 12.15
CA THR A 426 35.35 4.72 12.49
C THR A 426 34.96 4.47 13.94
N ARG A 427 35.31 5.40 14.82
CA ARG A 427 34.99 5.19 16.24
C ARG A 427 33.54 5.56 16.53
N THR A 428 33.00 6.58 15.86
CA THR A 428 31.57 6.87 15.96
C THR A 428 30.72 5.69 15.48
N ASN A 429 31.18 4.98 14.46
CA ASN A 429 30.44 3.82 13.94
C ASN A 429 30.43 2.65 14.92
N MET A 430 31.43 2.53 15.78
CA MET A 430 31.42 1.46 16.77
C MET A 430 30.27 1.64 17.76
N HIS A 431 29.91 2.90 18.07
CA HIS A 431 28.77 3.10 18.96
C HIS A 431 27.46 2.76 18.25
N LEU A 432 27.27 3.27 17.03
CA LEU A 432 26.10 2.90 16.24
C LEU A 432 25.98 1.39 16.12
N SER A 433 27.12 0.71 15.95
CA SER A 433 27.11 -0.74 15.84
C SER A 433 26.74 -1.44 17.14
N TRP A 434 27.05 -0.83 18.29
CA TRP A 434 26.66 -1.44 19.56
C TRP A 434 25.16 -1.43 19.74
N ILE A 435 24.49 -0.32 19.44
CA ILE A 435 23.02 -0.25 19.54
C ILE A 435 22.38 -1.25 18.58
N LYS A 436 22.83 -1.26 17.33
CA LYS A 436 22.27 -2.20 16.36
C LYS A 436 22.39 -3.62 16.87
N ASP A 437 23.54 -3.97 17.42
CA ASP A 437 23.72 -5.30 18.00
C ASP A 437 22.72 -5.57 19.11
N ALA A 438 22.51 -4.60 20.01
CA ALA A 438 21.59 -4.84 21.13
C ALA A 438 20.16 -4.99 20.63
N TYR A 439 19.77 -4.17 19.65
CA TYR A 439 18.43 -4.19 19.08
C TYR A 439 18.17 -5.49 18.33
N ASP A 440 19.13 -5.92 17.52
CA ASP A 440 19.00 -7.19 16.80
C ASP A 440 18.85 -8.37 17.76
N TYR A 441 19.61 -8.36 18.86
CA TYR A 441 19.50 -9.44 19.83
C TYR A 441 18.09 -9.57 20.39
N MET A 442 17.38 -8.46 20.56
CA MET A 442 16.06 -8.48 21.18
C MET A 442 14.94 -8.86 20.23
N THR A 443 15.21 -8.99 18.93
CA THR A 443 14.19 -9.26 17.92
C THR A 443 13.15 -10.30 18.34
N PRO A 444 13.52 -11.47 18.88
CA PRO A 444 12.49 -12.46 19.22
C PRO A 444 11.67 -12.15 20.47
N TYR A 445 12.00 -11.13 21.27
CA TYR A 445 11.29 -10.94 22.54
C TYR A 445 10.47 -9.65 22.60
N VAL A 446 10.39 -8.90 21.50
CA VAL A 446 9.60 -7.68 21.47
C VAL A 446 8.45 -7.84 20.46
N SER A 447 7.61 -6.82 20.30
CA SER A 447 6.51 -6.89 19.34
C SER A 447 7.04 -7.18 17.94
N LYS A 448 6.23 -7.87 17.12
CA LYS A 448 6.77 -8.61 15.96
C LYS A 448 6.27 -8.12 14.60
N ASP A 449 4.97 -8.05 14.37
CA ASP A 449 4.43 -8.05 13.00
C ASP A 449 3.47 -6.87 12.83
N PRO A 450 3.99 -5.65 12.67
CA PRO A 450 5.42 -5.35 12.59
C PRO A 450 6.06 -5.03 13.94
N ARG A 451 7.39 -5.00 13.97
CA ARG A 451 8.11 -4.52 15.15
C ARG A 451 7.77 -3.05 15.44
N GLY A 452 7.11 -2.80 16.57
CA GLY A 452 6.66 -1.45 16.86
C GLY A 452 7.79 -0.50 17.22
N ALA A 453 7.55 0.78 16.96
CA ALA A 453 8.45 1.88 17.27
C ALA A 453 7.60 3.09 17.65
N TYR A 454 8.22 4.08 18.28
CA TYR A 454 7.48 5.22 18.79
C TYR A 454 7.89 6.49 18.06
N LEU A 455 6.90 7.21 17.52
CA LEU A 455 7.22 8.32 16.61
C LEU A 455 8.10 9.37 17.29
N ASN A 456 7.80 9.70 18.55
CA ASN A 456 8.60 10.74 19.18
C ASN A 456 9.98 10.24 19.61
N PHE A 457 10.23 8.93 19.58
CA PHE A 457 11.59 8.40 19.63
C PHE A 457 12.04 8.04 18.21
N ARG A 458 12.13 9.06 17.36
CA ARG A 458 12.30 8.80 15.94
C ARG A 458 13.57 8.00 15.67
N ASP A 459 13.49 7.09 14.70
CA ASP A 459 14.55 6.15 14.40
C ASP A 459 14.53 5.87 12.91
N LEU A 460 15.54 6.34 12.17
CA LEU A 460 15.54 6.09 10.73
C LEU A 460 15.88 4.64 10.40
N ASP A 461 16.46 3.89 11.34
CA ASP A 461 16.85 2.53 11.04
C ASP A 461 15.67 1.57 10.92
N ILE A 462 14.45 2.01 11.23
CA ILE A 462 13.29 1.16 10.95
C ILE A 462 12.84 1.28 9.49
N GLY A 463 13.45 2.19 8.72
CA GLY A 463 13.12 2.40 7.31
C GLY A 463 12.88 3.88 7.01
N VAL A 464 13.20 4.27 5.77
CA VAL A 464 12.99 5.64 5.31
C VAL A 464 12.26 5.62 3.96
N ASN A 465 11.78 6.79 3.54
CA ASN A 465 11.14 6.88 2.24
C ASN A 465 12.14 6.74 1.10
N VAL A 466 11.68 6.14 0.00
CA VAL A 466 12.42 6.22 -1.26
C VAL A 466 12.05 7.52 -1.96
N ASN A 467 12.58 7.71 -3.16
CA ASN A 467 12.27 8.89 -3.96
C ASN A 467 10.78 8.93 -4.29
N GLU A 468 10.16 10.12 -4.19
CA GLU A 468 8.71 10.20 -4.39
C GLU A 468 8.28 9.87 -5.80
N SER A 469 9.18 9.84 -6.77
CA SER A 469 8.80 9.43 -8.12
C SER A 469 8.90 7.93 -8.33
N ASP A 470 9.51 7.18 -7.40
CA ASP A 470 9.57 5.73 -7.53
C ASP A 470 8.17 5.15 -7.48
N TYR A 471 7.95 4.08 -8.26
CA TYR A 471 6.63 3.45 -8.32
C TYR A 471 6.24 2.82 -6.98
N ASP A 472 7.21 2.41 -6.14
CA ASP A 472 6.89 1.78 -4.86
C ASP A 472 7.01 2.72 -3.67
N TYR A 473 6.78 4.02 -3.87
CA TYR A 473 6.93 5.01 -2.81
C TYR A 473 5.97 4.76 -1.66
N VAL A 474 4.72 4.39 -1.97
CA VAL A 474 3.73 4.17 -0.92
C VAL A 474 4.05 2.91 -0.12
N ALA A 475 4.30 1.78 -0.81
CA ALA A 475 4.56 0.54 -0.08
C ALA A 475 5.82 0.64 0.73
N LYS A 476 6.86 1.28 0.19
CA LYS A 476 8.08 1.47 0.94
C LYS A 476 7.82 2.30 2.19
N ALA A 477 7.00 3.37 2.07
CA ALA A 477 6.67 4.16 3.25
C ALA A 477 5.91 3.32 4.29
N SER A 478 5.18 2.28 3.87
CA SER A 478 4.48 1.47 4.86
C SER A 478 5.42 0.64 5.73
N VAL A 479 6.68 0.50 5.34
CA VAL A 479 7.64 -0.25 6.15
C VAL A 479 7.82 0.42 7.53
N TRP A 480 8.23 1.70 7.54
CA TRP A 480 8.30 2.43 8.81
C TRP A 480 6.92 2.89 9.26
N GLY A 481 6.03 3.17 8.30
CA GLY A 481 4.71 3.68 8.64
C GLY A 481 3.88 2.76 9.52
N THR A 482 3.94 1.45 9.27
CA THR A 482 3.20 0.56 10.14
C THR A 482 3.96 0.21 11.43
N LYS A 483 5.24 0.58 11.55
CA LYS A 483 5.87 0.44 12.87
C LYS A 483 5.43 1.55 13.82
N TYR A 484 5.28 2.78 13.33
CA TYR A 484 4.85 3.89 14.19
C TYR A 484 3.35 3.83 14.46
N PHE A 485 2.59 3.68 13.41
CA PHE A 485 1.15 3.60 13.42
C PHE A 485 0.92 2.17 13.02
N ARG A 486 -0.23 1.59 13.21
CA ARG A 486 -0.28 0.21 12.74
C ARG A 486 -1.22 0.27 11.54
N ASN A 487 -2.46 -0.14 11.68
CA ASN A 487 -3.47 0.01 10.66
C ASN A 487 -3.91 1.45 10.52
N ASN A 488 -3.50 2.34 11.44
CA ASN A 488 -3.76 3.76 11.28
C ASN A 488 -2.95 4.37 10.13
N PHE A 489 -1.89 3.69 9.69
CA PHE A 489 -1.09 4.24 8.59
C PHE A 489 -1.92 4.43 7.32
N TYR A 490 -2.75 3.44 6.96
CA TYR A 490 -3.45 3.51 5.67
C TYR A 490 -4.48 4.64 5.66
N ARG A 491 -5.06 4.94 6.82
CA ARG A 491 -5.96 6.08 6.95
C ARG A 491 -5.18 7.40 6.89
N LEU A 492 -3.95 7.43 7.44
CA LEU A 492 -3.13 8.63 7.31
C LEU A 492 -2.80 8.92 5.85
N VAL A 493 -2.50 7.87 5.06
CA VAL A 493 -2.18 8.06 3.66
C VAL A 493 -3.37 8.66 2.91
N ASP A 494 -4.57 8.12 3.14
CA ASP A 494 -5.72 8.66 2.41
C ASP A 494 -6.00 10.11 2.82
N ILE A 495 -5.76 10.46 4.09
CA ILE A 495 -5.95 11.83 4.55
C ILE A 495 -4.91 12.76 3.93
N LYS A 496 -3.66 12.32 3.92
CA LYS A 496 -2.58 13.07 3.28
C LYS A 496 -2.91 13.37 1.82
N THR A 497 -3.48 12.38 1.11
CA THR A 497 -3.87 12.58 -0.28
C THR A 497 -4.86 13.74 -0.42
N ILE A 498 -5.73 13.94 0.56
CA ILE A 498 -6.74 15.00 0.44
C ILE A 498 -6.16 16.36 0.80
N VAL A 499 -5.31 16.43 1.82
CA VAL A 499 -4.87 17.74 2.29
C VAL A 499 -3.55 18.20 1.66
N ASP A 500 -2.76 17.29 1.10
CA ASP A 500 -1.48 17.66 0.49
C ASP A 500 -1.26 16.80 -0.75
N PRO A 501 -2.15 16.88 -1.74
CA PRO A 501 -2.03 16.00 -2.91
C PRO A 501 -0.73 16.15 -3.69
N THR A 502 -0.07 17.32 -3.66
CA THR A 502 1.18 17.47 -4.38
C THR A 502 2.40 17.16 -3.52
N ASN A 503 2.19 16.73 -2.28
CA ASN A 503 3.28 16.22 -1.44
C ASN A 503 4.32 17.29 -1.14
N PHE A 504 3.87 18.52 -0.82
CA PHE A 504 4.83 19.56 -0.48
C PHE A 504 5.53 19.24 0.84
N PHE A 505 4.81 18.72 1.84
CA PHE A 505 5.39 18.43 3.15
C PHE A 505 5.98 17.02 3.12
N LYS A 506 7.26 16.89 2.77
CA LYS A 506 7.85 15.57 2.64
C LYS A 506 9.26 15.54 3.19
N TYR A 507 9.63 14.41 3.78
CA TYR A 507 10.95 14.23 4.36
C TYR A 507 11.20 12.73 4.41
N GLU A 508 12.24 12.32 5.13
CA GLU A 508 12.63 10.90 5.14
C GLU A 508 11.52 9.98 5.66
N GLN A 509 10.61 10.47 6.50
CA GLN A 509 9.56 9.65 7.08
C GLN A 509 8.25 10.42 7.09
N SER A 510 7.95 11.04 5.96
CA SER A 510 6.68 11.72 5.76
C SER A 510 5.64 10.74 5.25
N ILE A 511 4.42 10.90 5.72
CA ILE A 511 3.34 10.08 5.15
C ILE A 511 3.15 10.44 3.68
N PRO A 512 3.17 9.47 2.78
CA PRO A 512 3.03 9.76 1.35
C PRO A 512 1.56 9.92 0.96
N PRO A 513 1.27 10.77 -0.02
CA PRO A 513 -0.05 10.76 -0.65
C PRO A 513 -0.08 9.71 -1.76
N LEU A 514 -1.29 9.32 -2.16
CA LEU A 514 -1.39 8.35 -3.24
C LEU A 514 -0.88 8.98 -4.53
N PRO A 515 -0.23 8.22 -5.40
CA PRO A 515 0.24 8.78 -6.67
C PRO A 515 -0.92 9.38 -7.43
N PRO A 516 -0.80 10.63 -7.90
CA PRO A 516 -1.92 11.26 -8.62
C PRO A 516 -2.27 10.49 -9.88
N LEU A 517 -3.58 10.32 -10.11
CA LEU A 517 -4.13 9.59 -11.27
C LEU A 517 -4.06 10.43 -12.55
N THR B 1 -18.05 -31.99 6.44
CA THR B 1 -18.16 -30.65 7.03
C THR B 1 -19.19 -29.82 6.28
N HIS B 2 -19.28 -28.55 6.68
CA HIS B 2 -20.11 -27.54 6.07
C HIS B 2 -21.62 -27.94 6.04
N GLU B 3 -22.10 -28.62 7.11
CA GLU B 3 -23.54 -28.90 7.31
C GLU B 3 -24.35 -27.61 7.40
N ALA B 4 -23.90 -26.66 8.21
CA ALA B 4 -24.71 -25.47 8.44
C ALA B 4 -24.88 -24.68 7.15
N PHE B 5 -23.83 -24.62 6.34
CA PHE B 5 -23.95 -23.90 5.08
C PHE B 5 -24.93 -24.61 4.14
N LEU B 6 -24.75 -25.92 3.94
CA LEU B 6 -25.64 -26.65 3.03
C LEU B 6 -27.07 -26.62 3.51
N GLU B 7 -27.28 -26.72 4.83
CA GLU B 7 -28.65 -26.67 5.33
C GLU B 7 -29.25 -25.28 5.19
N CYS B 8 -28.46 -24.22 5.46
CA CYS B 8 -28.97 -22.87 5.24
C CYS B 8 -29.39 -22.68 3.79
N LEU B 9 -28.63 -23.25 2.85
CA LEU B 9 -28.98 -23.13 1.44
C LEU B 9 -30.34 -23.73 1.15
N THR B 10 -30.57 -24.96 1.59
CA THR B 10 -31.80 -25.66 1.21
C THR B 10 -33.03 -25.11 1.91
N THR B 11 -32.86 -24.35 3.00
CA THR B 11 -34.01 -23.71 3.62
C THR B 11 -34.22 -22.29 3.11
N ARG B 12 -33.18 -21.59 2.68
CA ARG B 12 -33.36 -20.22 2.17
C ARG B 12 -33.97 -20.20 0.77
N ILE B 13 -33.73 -21.21 -0.05
CA ILE B 13 -34.39 -21.35 -1.35
C ILE B 13 -35.62 -22.24 -1.16
N PRO B 14 -36.83 -21.73 -1.37
CA PRO B 14 -38.03 -22.52 -1.05
C PRO B 14 -38.26 -23.66 -2.03
N SER B 15 -39.00 -24.68 -1.57
CA SER B 15 -39.30 -25.87 -2.36
C SER B 15 -40.79 -25.96 -2.71
N ASN B 16 -41.08 -26.53 -3.89
CA ASN B 16 -42.43 -26.94 -4.24
C ASN B 16 -42.44 -28.39 -4.73
N PHE B 19 -39.76 -28.51 -7.69
CA PHE B 19 -38.43 -27.93 -7.52
C PHE B 19 -37.94 -27.99 -6.07
N THR B 20 -36.77 -28.58 -5.87
CA THR B 20 -36.02 -28.53 -4.62
C THR B 20 -34.66 -27.90 -4.88
N PRO B 21 -34.17 -27.05 -3.96
CA PRO B 21 -32.81 -26.52 -4.12
C PRO B 21 -31.75 -27.59 -4.25
N GLN B 22 -32.02 -28.81 -3.79
CA GLN B 22 -31.08 -29.89 -3.98
C GLN B 22 -30.82 -30.17 -5.47
N SER B 23 -31.72 -29.73 -6.35
CA SER B 23 -31.52 -29.97 -7.77
C SER B 23 -30.44 -29.10 -8.39
N ILE B 24 -30.01 -28.02 -7.72
CA ILE B 24 -28.95 -27.17 -8.22
C ILE B 24 -27.70 -27.23 -7.33
N ILE B 25 -27.60 -28.24 -6.48
CA ILE B 25 -26.47 -28.38 -5.56
C ILE B 25 -25.78 -29.71 -5.85
N TYR B 26 -24.62 -29.66 -6.48
CA TYR B 26 -23.87 -30.85 -6.87
C TYR B 26 -22.72 -31.06 -5.90
N THR B 27 -22.74 -32.17 -5.20
CA THR B 27 -21.65 -32.58 -4.35
C THR B 27 -20.92 -33.74 -5.00
N PRO B 28 -19.69 -34.05 -4.56
CA PRO B 28 -18.88 -35.02 -5.31
C PRO B 28 -19.45 -36.43 -5.35
N ASP B 29 -20.43 -36.76 -4.51
CA ASP B 29 -21.13 -38.04 -4.61
C ASP B 29 -22.10 -38.09 -5.77
N ASN B 30 -22.47 -36.94 -6.33
CA ASN B 30 -23.40 -36.89 -7.44
C ASN B 30 -22.69 -37.29 -8.74
N PRO B 31 -23.30 -38.14 -9.57
CA PRO B 31 -22.62 -38.52 -10.83
C PRO B 31 -22.48 -37.37 -11.81
N SER B 32 -23.27 -36.31 -11.67
CA SER B 32 -23.11 -35.14 -12.52
C SER B 32 -22.04 -34.16 -12.04
N TYR B 33 -21.52 -34.34 -10.83
CA TYR B 33 -20.55 -33.40 -10.27
C TYR B 33 -19.31 -33.30 -11.17
N SER B 34 -18.73 -34.43 -11.52
CA SER B 34 -17.51 -34.42 -12.32
C SER B 34 -17.76 -33.81 -13.68
N THR B 35 -18.94 -34.04 -14.26
CA THR B 35 -19.26 -33.49 -15.57
C THR B 35 -19.37 -31.97 -15.53
N ILE B 36 -20.09 -31.44 -14.54
CA ILE B 36 -20.16 -29.99 -14.34
C ILE B 36 -18.76 -29.41 -14.13
N LEU B 37 -18.00 -30.00 -13.21
CA LEU B 37 -16.67 -29.49 -12.91
C LEU B 37 -15.79 -29.46 -14.16
N ASP B 38 -15.70 -30.60 -14.87
CA ASP B 38 -14.83 -30.70 -16.04
C ASP B 38 -15.28 -29.83 -17.21
N SER B 39 -16.57 -29.54 -17.31
CA SER B 39 -17.09 -28.98 -18.55
C SER B 39 -16.48 -27.61 -18.86
N THR B 40 -16.20 -26.81 -17.84
CA THR B 40 -15.52 -25.54 -18.07
C THR B 40 -14.23 -25.41 -17.27
N THR B 41 -13.48 -26.51 -17.09
CA THR B 41 -12.05 -26.39 -16.76
C THR B 41 -11.31 -26.27 -18.08
N GLN B 42 -11.04 -25.02 -18.47
CA GLN B 42 -10.57 -24.74 -19.82
C GLN B 42 -9.06 -24.87 -19.99
N ASN B 43 -8.29 -25.03 -18.91
CA ASN B 43 -6.86 -25.31 -19.06
C ASN B 43 -6.61 -26.73 -18.57
N PRO B 44 -6.30 -27.66 -19.48
CA PRO B 44 -6.05 -29.06 -19.09
C PRO B 44 -4.96 -29.26 -18.05
N ARG B 45 -4.07 -28.29 -17.86
CA ARG B 45 -3.04 -28.42 -16.83
C ARG B 45 -3.63 -28.67 -15.44
N PHE B 46 -4.87 -28.27 -15.19
CA PHE B 46 -5.47 -28.40 -13.89
C PHE B 46 -6.40 -29.61 -13.77
N LEU B 47 -6.45 -30.45 -14.79
CA LEU B 47 -7.32 -31.63 -14.74
C LEU B 47 -6.89 -32.60 -13.66
N SER B 48 -5.60 -32.64 -13.34
CA SER B 48 -5.07 -33.46 -12.25
C SER B 48 -4.84 -32.66 -10.97
N SER B 49 -5.19 -31.38 -10.94
CA SER B 49 -4.94 -30.57 -9.76
C SER B 49 -5.72 -31.08 -8.55
N SER B 50 -5.10 -31.06 -7.38
CA SER B 50 -5.75 -31.49 -6.15
C SER B 50 -6.43 -30.34 -5.42
N THR B 51 -6.27 -29.10 -5.87
CA THR B 51 -7.06 -28.00 -5.36
C THR B 51 -8.32 -27.78 -6.18
N ARG B 52 -8.53 -28.61 -7.20
CA ARG B 52 -9.73 -28.52 -8.02
C ARG B 52 -10.80 -29.47 -7.49
N ASN B 53 -11.19 -29.22 -6.25
CA ASN B 53 -12.05 -30.14 -5.49
C ASN B 53 -13.03 -29.35 -4.63
N PRO B 54 -13.95 -28.62 -5.25
CA PRO B 54 -14.98 -27.97 -4.46
C PRO B 54 -15.88 -28.99 -3.79
N PHE B 55 -16.23 -28.72 -2.52
CA PHE B 55 -17.18 -29.60 -1.83
C PHE B 55 -18.59 -29.45 -2.39
N ALA B 56 -18.86 -28.39 -3.16
CA ALA B 56 -20.12 -28.28 -3.84
C ALA B 56 -19.97 -27.36 -5.04
N ILE B 57 -20.82 -27.58 -6.04
CA ILE B 57 -20.98 -26.70 -7.18
C ILE B 57 -22.45 -26.29 -7.23
N ILE B 58 -22.70 -24.99 -7.19
CA ILE B 58 -24.06 -24.46 -7.18
C ILE B 58 -24.30 -23.81 -8.52
N THR B 59 -25.39 -24.20 -9.19
CA THR B 59 -25.80 -23.58 -10.44
C THR B 59 -27.09 -22.79 -10.20
N PRO B 60 -27.01 -21.53 -9.81
CA PRO B 60 -28.24 -20.76 -9.61
C PRO B 60 -29.00 -20.58 -10.91
N LEU B 61 -30.32 -20.62 -10.83
CA LEU B 61 -31.19 -20.33 -11.95
C LEU B 61 -31.78 -18.93 -11.89
N HIS B 62 -31.62 -18.22 -10.78
CA HIS B 62 -32.16 -16.88 -10.64
C HIS B 62 -31.26 -16.10 -9.69
N ALA B 63 -31.39 -14.77 -9.73
CA ALA B 63 -30.63 -13.90 -8.84
C ALA B 63 -30.87 -14.25 -7.39
N SER B 64 -32.11 -14.60 -7.03
CA SER B 64 -32.43 -14.94 -5.65
C SER B 64 -31.62 -16.13 -5.15
N HIS B 65 -31.29 -17.08 -6.04
CA HIS B 65 -30.40 -18.19 -5.67
C HIS B 65 -28.98 -17.71 -5.39
N ILE B 66 -28.50 -16.70 -6.12
CA ILE B 66 -27.21 -16.12 -5.80
C ILE B 66 -27.24 -15.46 -4.42
N GLN B 67 -28.30 -14.70 -4.13
CA GLN B 67 -28.40 -14.04 -2.83
C GLN B 67 -28.42 -15.04 -1.68
N ALA B 68 -29.09 -16.18 -1.86
CA ALA B 68 -29.11 -17.20 -0.81
C ALA B 68 -27.73 -17.83 -0.62
N ALA B 69 -27.06 -18.21 -1.72
CA ALA B 69 -25.73 -18.79 -1.60
C ALA B 69 -24.76 -17.83 -0.94
N LEU B 70 -24.91 -16.54 -1.23
CA LEU B 70 -24.04 -15.52 -0.67
C LEU B 70 -24.35 -15.27 0.79
N TYR B 71 -25.63 -15.19 1.15
CA TYR B 71 -25.99 -15.04 2.56
C TYR B 71 -25.48 -16.21 3.40
N CYS B 72 -25.69 -17.44 2.93
CA CYS B 72 -25.34 -18.61 3.72
C CYS B 72 -23.84 -18.79 3.86
N SER B 73 -23.07 -18.48 2.80
CA SER B 73 -21.63 -18.73 2.85
C SER B 73 -20.91 -17.68 3.69
N GLN B 74 -21.37 -16.43 3.62
CA GLN B 74 -20.88 -15.40 4.53
C GLN B 74 -21.19 -15.74 5.97
N LYS B 75 -22.41 -16.17 6.24
CA LYS B 75 -22.84 -16.45 7.61
C LYS B 75 -22.08 -17.61 8.23
N HIS B 76 -21.64 -18.59 7.43
CA HIS B 76 -20.93 -19.72 7.99
C HIS B 76 -19.49 -19.82 7.48
N GLY B 77 -18.94 -18.72 6.97
CA GLY B 77 -17.51 -18.67 6.68
C GLY B 77 -17.03 -19.60 5.59
N GLU B 78 -17.83 -19.79 4.55
CA GLU B 78 -17.42 -20.57 3.39
C GLU B 78 -16.77 -19.69 2.34
N GLN B 79 -15.94 -20.30 1.51
CA GLN B 79 -15.30 -19.60 0.41
C GLN B 79 -16.01 -19.93 -0.89
N MET B 80 -16.39 -18.88 -1.63
CA MET B 80 -17.00 -19.00 -2.95
C MET B 80 -15.96 -18.70 -4.03
N ARG B 81 -15.98 -19.50 -5.10
CA ARG B 81 -15.29 -19.17 -6.33
C ARG B 81 -16.35 -18.97 -7.40
N ILE B 82 -16.34 -17.80 -8.06
CA ILE B 82 -17.31 -17.51 -9.10
C ILE B 82 -16.78 -18.01 -10.44
N ARG B 83 -17.65 -18.66 -11.20
CA ARG B 83 -17.23 -19.17 -12.50
C ARG B 83 -18.33 -18.91 -13.51
N SER B 84 -17.95 -18.25 -14.61
CA SER B 84 -18.86 -18.04 -15.73
C SER B 84 -18.40 -18.90 -16.89
N GLY B 85 -17.36 -18.47 -17.60
CA GLY B 85 -16.86 -19.25 -18.70
C GLY B 85 -15.82 -20.30 -18.32
N GLY B 86 -15.14 -20.12 -17.19
CA GLY B 86 -14.03 -20.99 -16.81
C GLY B 86 -12.71 -20.78 -17.53
N HIS B 87 -12.56 -19.70 -18.31
CA HIS B 87 -11.35 -19.49 -19.10
C HIS B 87 -10.19 -18.84 -18.34
N ASP B 88 -10.33 -18.54 -17.06
CA ASP B 88 -9.21 -18.03 -16.30
C ASP B 88 -7.96 -18.88 -16.57
N TYR B 89 -6.91 -18.22 -17.02
CA TYR B 89 -5.72 -18.95 -17.45
C TYR B 89 -5.03 -19.67 -16.30
N GLU B 90 -5.25 -19.24 -15.05
CA GLU B 90 -4.74 -19.92 -13.86
C GLU B 90 -5.80 -20.76 -13.15
N GLY B 91 -6.98 -20.92 -13.74
CA GLY B 91 -8.01 -21.75 -13.12
C GLY B 91 -8.48 -21.25 -11.77
N LEU B 92 -8.46 -19.94 -11.54
CA LEU B 92 -8.84 -19.42 -10.23
C LEU B 92 -10.34 -19.54 -9.97
N SER B 93 -11.15 -19.70 -11.00
CA SER B 93 -12.58 -19.89 -10.85
C SER B 93 -12.96 -21.31 -10.43
N TYR B 94 -12.01 -22.25 -10.38
CA TYR B 94 -12.40 -23.59 -9.97
C TYR B 94 -11.36 -24.29 -9.10
N GLN B 95 -10.50 -23.54 -8.43
CA GLN B 95 -9.52 -24.10 -7.52
C GLN B 95 -9.37 -23.19 -6.32
N SER B 96 -9.04 -23.79 -5.18
CA SER B 96 -8.64 -23.04 -4.00
C SER B 96 -7.84 -23.97 -3.15
N SER B 97 -6.91 -23.41 -2.38
CA SER B 97 -6.12 -24.22 -1.48
C SER B 97 -6.82 -24.47 -0.14
N VAL B 98 -7.94 -23.80 0.14
CA VAL B 98 -8.79 -24.12 1.30
C VAL B 98 -10.10 -24.70 0.78
N PRO B 99 -10.94 -25.32 1.61
CA PRO B 99 -12.22 -25.84 1.10
C PRO B 99 -13.08 -24.74 0.53
N PHE B 100 -13.78 -25.04 -0.58
CA PHE B 100 -14.50 -24.00 -1.30
C PHE B 100 -15.62 -24.63 -2.09
N PHE B 101 -16.55 -23.80 -2.52
CA PHE B 101 -17.57 -24.23 -3.46
C PHE B 101 -17.53 -23.29 -4.66
N ILE B 102 -18.06 -23.77 -5.78
CA ILE B 102 -18.14 -22.96 -6.99
C ILE B 102 -19.57 -22.48 -7.16
N LEU B 103 -19.71 -21.19 -7.44
CA LEU B 103 -20.97 -20.64 -7.91
C LEU B 103 -20.84 -20.57 -9.43
N ASP B 104 -21.47 -21.51 -10.11
CA ASP B 104 -21.39 -21.64 -11.56
C ASP B 104 -22.61 -20.99 -12.18
N LEU B 105 -22.37 -19.99 -13.06
CA LEU B 105 -23.43 -19.13 -13.57
C LEU B 105 -23.93 -19.57 -14.95
N ARG B 106 -23.68 -20.81 -15.34
CA ARG B 106 -24.01 -21.25 -16.69
C ARG B 106 -25.50 -21.14 -17.03
N ASN B 107 -26.38 -21.22 -16.03
CA ASN B 107 -27.81 -21.11 -16.34
C ASN B 107 -28.30 -19.68 -16.40
N LEU B 108 -27.45 -18.70 -16.13
CA LEU B 108 -27.79 -17.30 -16.23
C LEU B 108 -27.12 -16.77 -17.49
N SER B 109 -27.76 -16.98 -18.63
CA SER B 109 -27.12 -16.69 -19.91
C SER B 109 -28.07 -16.01 -20.88
N SER B 110 -29.07 -15.29 -20.41
CA SER B 110 -29.99 -14.65 -21.34
C SER B 110 -29.36 -13.38 -21.93
N ILE B 111 -29.77 -13.08 -23.15
CA ILE B 111 -29.26 -11.97 -23.94
C ILE B 111 -30.46 -11.22 -24.50
N SER B 112 -30.47 -9.90 -24.37
CA SER B 112 -31.47 -9.08 -25.03
C SER B 112 -30.78 -7.94 -25.77
N ILE B 113 -31.18 -7.74 -27.01
CA ILE B 113 -30.55 -6.78 -27.91
C ILE B 113 -31.57 -5.72 -28.27
N ASP B 114 -31.18 -4.45 -28.13
CA ASP B 114 -31.97 -3.31 -28.57
C ASP B 114 -31.22 -2.70 -29.75
N ALA B 115 -31.61 -3.11 -30.96
CA ALA B 115 -30.88 -2.64 -32.15
C ALA B 115 -31.01 -1.13 -32.33
N LYS B 116 -32.14 -0.55 -31.94
CA LYS B 116 -32.37 0.87 -32.16
C LYS B 116 -31.42 1.73 -31.33
N SER B 117 -31.38 1.50 -30.02
CA SER B 117 -30.44 2.23 -29.18
C SER B 117 -29.07 1.57 -29.15
N LYS B 118 -28.87 0.48 -29.89
CA LYS B 118 -27.56 -0.14 -30.07
C LYS B 118 -26.96 -0.59 -28.73
N SER B 119 -27.75 -1.36 -27.99
CA SER B 119 -27.33 -1.80 -26.67
C SER B 119 -27.78 -3.23 -26.47
N ALA B 120 -27.20 -3.87 -25.46
CA ALA B 120 -27.56 -5.23 -25.13
C ALA B 120 -27.36 -5.46 -23.64
N TRP B 121 -28.24 -6.23 -23.05
CA TRP B 121 -28.05 -6.80 -21.73
C TRP B 121 -27.60 -8.24 -21.91
N VAL B 122 -26.53 -8.61 -21.21
CA VAL B 122 -25.97 -9.95 -21.33
C VAL B 122 -25.74 -10.49 -19.92
N GLN B 123 -26.40 -11.59 -19.59
CA GLN B 123 -26.14 -12.24 -18.31
C GLN B 123 -24.76 -12.92 -18.30
N ALA B 124 -24.22 -13.04 -17.10
CA ALA B 124 -22.80 -13.33 -16.92
C ALA B 124 -22.43 -14.72 -17.38
N GLY B 125 -23.38 -15.67 -17.37
CA GLY B 125 -23.09 -17.01 -17.82
C GLY B 125 -23.10 -17.21 -19.33
N ALA B 126 -23.39 -16.18 -20.11
CA ALA B 126 -23.36 -16.28 -21.57
C ALA B 126 -21.92 -16.23 -22.07
N THR B 127 -21.66 -16.95 -23.15
CA THR B 127 -20.38 -16.86 -23.83
C THR B 127 -20.42 -15.76 -24.90
N ILE B 128 -19.25 -15.28 -25.30
CA ILE B 128 -19.26 -14.26 -26.34
C ILE B 128 -19.76 -14.82 -27.67
N GLY B 129 -19.64 -16.13 -27.87
CA GLY B 129 -20.20 -16.72 -29.08
C GLY B 129 -21.71 -16.66 -29.13
N GLU B 130 -22.37 -16.88 -27.99
CA GLU B 130 -23.82 -16.71 -27.94
C GLU B 130 -24.19 -15.25 -28.14
N LEU B 131 -23.37 -14.36 -27.62
CA LEU B 131 -23.59 -12.93 -27.82
C LEU B 131 -23.45 -12.54 -29.28
N TYR B 132 -22.36 -13.01 -29.91
CA TYR B 132 -22.12 -12.67 -31.32
C TYR B 132 -23.20 -13.24 -32.21
N TYR B 133 -23.65 -14.46 -31.92
CA TYR B 133 -24.77 -15.05 -32.65
C TYR B 133 -25.97 -14.12 -32.63
N GLY B 134 -26.41 -13.75 -31.41
CA GLY B 134 -27.55 -12.86 -31.28
C GLY B 134 -27.35 -11.54 -32.02
N ILE B 135 -26.14 -10.97 -31.94
CA ILE B 135 -25.88 -9.75 -32.69
C ILE B 135 -25.98 -10.00 -34.19
N ALA B 136 -25.45 -11.13 -34.65
CA ALA B 136 -25.55 -11.45 -36.08
C ALA B 136 -27.01 -11.58 -36.52
N LYS B 137 -27.84 -12.26 -35.71
CA LYS B 137 -29.24 -12.43 -36.02
C LYS B 137 -30.01 -11.11 -35.99
N THR B 138 -29.42 -10.04 -35.47
CA THR B 138 -30.05 -8.73 -35.42
C THR B 138 -29.66 -7.86 -36.61
N SER B 139 -28.36 -7.79 -36.90
CA SER B 139 -27.83 -7.02 -38.02
C SER B 139 -26.40 -7.46 -38.26
N LEU B 140 -25.94 -7.29 -39.49
CA LEU B 140 -24.53 -7.47 -39.79
C LEU B 140 -23.75 -6.17 -39.68
N ASN B 141 -24.43 -5.05 -39.39
CA ASN B 141 -23.82 -3.74 -39.26
C ASN B 141 -23.43 -3.40 -37.82
N LEU B 142 -23.71 -4.30 -36.87
CA LEU B 142 -23.34 -4.12 -35.48
C LEU B 142 -22.33 -5.18 -35.08
N SER B 143 -21.50 -4.86 -34.09
CA SER B 143 -20.57 -5.83 -33.54
C SER B 143 -20.25 -5.46 -32.11
N PHE B 144 -19.38 -6.25 -31.48
CA PHE B 144 -18.93 -5.92 -30.16
C PHE B 144 -17.51 -6.44 -29.99
N PRO B 145 -16.60 -5.64 -29.47
CA PRO B 145 -15.21 -6.09 -29.33
C PRO B 145 -14.98 -6.94 -28.07
N GLY B 146 -15.53 -8.14 -28.06
CA GLY B 146 -15.12 -9.13 -27.09
C GLY B 146 -13.86 -9.79 -27.61
N GLY B 147 -13.57 -10.96 -27.09
CA GLY B 147 -12.45 -11.73 -27.60
C GLY B 147 -12.80 -12.43 -28.90
N VAL B 148 -11.96 -13.40 -29.26
CA VAL B 148 -12.20 -14.27 -30.41
C VAL B 148 -12.83 -15.58 -29.94
N ALA B 149 -12.14 -16.31 -29.06
CA ALA B 149 -12.57 -17.65 -28.67
C ALA B 149 -14.01 -17.66 -28.15
N HIS B 150 -14.87 -18.40 -28.86
CA HIS B 150 -16.30 -18.22 -28.69
C HIS B 150 -16.85 -18.77 -27.38
N THR B 151 -16.06 -19.51 -26.60
CA THR B 151 -16.57 -20.03 -25.33
C THR B 151 -16.14 -19.17 -24.13
N ILE B 152 -15.46 -18.03 -24.38
CA ILE B 152 -15.15 -17.09 -23.31
C ILE B 152 -16.42 -16.57 -22.67
N GLY B 153 -16.48 -16.62 -21.33
CA GLY B 153 -17.64 -16.08 -20.62
C GLY B 153 -17.61 -14.56 -20.54
N VAL B 154 -18.78 -13.94 -20.74
CA VAL B 154 -18.80 -12.47 -20.64
C VAL B 154 -18.66 -12.05 -19.18
N GLY B 155 -19.07 -12.90 -18.24
CA GLY B 155 -18.93 -12.56 -16.83
C GLY B 155 -17.50 -12.20 -16.43
N GLY B 156 -16.53 -13.02 -16.83
CA GLY B 156 -15.14 -12.68 -16.55
C GLY B 156 -14.51 -11.75 -17.58
N GLN B 157 -14.93 -11.83 -18.84
CA GLN B 157 -14.25 -11.09 -19.88
C GLN B 157 -14.40 -9.58 -19.67
N LEU B 158 -15.64 -9.11 -19.49
CA LEU B 158 -15.86 -7.67 -19.39
C LEU B 158 -15.38 -7.12 -18.07
N GLY B 159 -15.15 -7.98 -17.08
CA GLY B 159 -14.65 -7.46 -15.82
C GLY B 159 -13.17 -7.25 -15.79
N GLY B 160 -12.45 -7.74 -16.81
CA GLY B 160 -11.00 -7.69 -16.82
C GLY B 160 -10.36 -6.99 -17.99
N GLY B 161 -11.17 -6.46 -18.91
CA GLY B 161 -10.63 -5.81 -20.08
C GLY B 161 -11.22 -6.36 -21.38
N GLY B 162 -10.53 -7.30 -22.01
CA GLY B 162 -11.06 -7.97 -23.18
C GLY B 162 -10.49 -7.46 -24.48
N TYR B 163 -9.48 -8.16 -25.00
CA TYR B 163 -8.77 -7.72 -26.17
C TYR B 163 -9.12 -8.61 -27.36
N GLY B 164 -9.16 -8.02 -28.55
CA GLY B 164 -9.47 -8.79 -29.73
C GLY B 164 -8.97 -8.13 -31.00
N TYR B 165 -9.44 -8.65 -32.13
CA TYR B 165 -9.06 -8.15 -33.46
C TYR B 165 -9.57 -6.74 -33.76
N SER B 166 -10.43 -6.16 -32.93
CA SER B 166 -10.97 -4.83 -33.22
C SER B 166 -10.65 -3.79 -32.15
N THR B 167 -9.80 -4.15 -31.19
CA THR B 167 -9.50 -3.26 -30.06
C THR B 167 -8.86 -1.95 -30.52
N ARG B 168 -8.03 -1.98 -31.58
CA ARG B 168 -7.47 -0.72 -32.04
C ARG B 168 -8.53 0.23 -32.59
N LYS B 169 -9.66 -0.29 -33.04
CA LYS B 169 -10.75 0.52 -33.53
C LYS B 169 -11.74 0.91 -32.42
N TYR B 170 -12.10 -0.01 -31.54
CA TYR B 170 -13.17 0.25 -30.58
C TYR B 170 -12.78 0.25 -29.11
N GLY B 171 -11.51 0.03 -28.77
CA GLY B 171 -11.12 -0.16 -27.39
C GLY B 171 -11.48 -1.55 -26.86
N LEU B 172 -11.14 -1.78 -25.60
CA LEU B 172 -11.41 -3.06 -24.95
C LEU B 172 -12.90 -3.27 -24.71
N ALA B 173 -13.27 -4.53 -24.48
CA ALA B 173 -14.65 -4.83 -24.13
C ALA B 173 -15.12 -3.99 -22.93
N SER B 174 -14.24 -3.79 -21.95
CA SER B 174 -14.58 -3.01 -20.76
C SER B 174 -14.80 -1.54 -21.08
N ASP B 175 -14.16 -1.01 -22.12
CA ASP B 175 -14.39 0.36 -22.54
C ASP B 175 -15.79 0.56 -23.14
N ASN B 176 -16.53 -0.52 -23.40
CA ASN B 176 -17.81 -0.44 -24.09
C ASN B 176 -18.96 -0.93 -23.21
N VAL B 177 -18.77 -0.93 -21.90
CA VAL B 177 -19.78 -1.30 -20.94
C VAL B 177 -20.43 -0.02 -20.45
N ILE B 178 -21.76 -0.01 -20.43
CA ILE B 178 -22.53 1.19 -20.07
C ILE B 178 -23.44 0.98 -18.87
N ASP B 179 -23.65 -0.24 -18.40
CA ASP B 179 -24.36 -0.51 -17.15
C ASP B 179 -24.00 -1.92 -16.72
N ALA B 180 -24.60 -2.36 -15.61
CA ALA B 180 -24.28 -3.64 -15.02
C ALA B 180 -25.23 -3.89 -13.87
N GLN B 181 -25.50 -5.16 -13.61
CA GLN B 181 -26.20 -5.60 -12.41
C GLN B 181 -25.21 -6.37 -11.55
N LEU B 182 -24.97 -5.85 -10.35
CA LEU B 182 -23.93 -6.35 -9.45
C LEU B 182 -24.58 -6.72 -8.13
N ILE B 183 -24.31 -7.92 -7.64
CA ILE B 183 -24.74 -8.33 -6.31
C ILE B 183 -23.56 -8.15 -5.37
N ASP B 184 -23.70 -7.24 -4.41
CA ASP B 184 -22.63 -6.94 -3.47
C ASP B 184 -22.69 -7.92 -2.28
N ALA B 185 -21.72 -7.83 -1.37
CA ALA B 185 -21.66 -8.79 -0.26
C ALA B 185 -22.88 -8.71 0.65
N ARG B 186 -23.59 -7.59 0.67
CA ARG B 186 -24.81 -7.48 1.44
C ARG B 186 -26.03 -8.06 0.73
N GLY B 187 -25.86 -8.69 -0.44
CA GLY B 187 -26.98 -9.23 -1.18
C GLY B 187 -27.84 -8.23 -1.94
N ARG B 188 -27.48 -6.95 -1.97
CA ARG B 188 -28.26 -5.98 -2.73
C ARG B 188 -27.93 -6.10 -4.21
N ILE B 189 -28.95 -6.03 -5.05
CA ILE B 189 -28.77 -5.99 -6.50
C ILE B 189 -28.67 -4.53 -6.93
N LEU B 190 -27.51 -4.15 -7.43
CA LEU B 190 -27.20 -2.77 -7.76
C LEU B 190 -27.00 -2.64 -9.27
N ASP B 191 -27.32 -1.46 -9.80
CA ASP B 191 -26.93 -1.14 -11.16
C ASP B 191 -26.11 0.15 -11.14
N ARG B 192 -25.84 0.73 -12.32
CA ARG B 192 -24.89 1.84 -12.34
C ARG B 192 -25.34 2.97 -11.41
N LYS B 193 -26.65 3.26 -11.39
CA LYS B 193 -27.18 4.32 -10.55
C LYS B 193 -26.97 4.01 -9.06
N THR B 194 -27.38 2.82 -8.61
CA THR B 194 -27.34 2.56 -7.18
C THR B 194 -25.98 2.10 -6.67
N MET B 195 -25.06 1.65 -7.53
CA MET B 195 -23.74 1.32 -7.00
C MET B 195 -22.81 2.52 -6.92
N GLY B 196 -23.08 3.59 -7.66
CA GLY B 196 -22.23 4.75 -7.67
C GLY B 196 -21.09 4.62 -8.67
N GLU B 197 -20.53 5.78 -9.05
CA GLU B 197 -19.56 5.82 -10.13
C GLU B 197 -18.22 5.17 -9.77
N ASP B 198 -17.86 5.18 -8.48
CA ASP B 198 -16.61 4.55 -8.06
C ASP B 198 -16.66 3.04 -8.31
N LEU B 199 -17.70 2.38 -7.80
CA LEU B 199 -17.81 0.94 -7.97
C LEU B 199 -18.03 0.58 -9.44
N PHE B 200 -18.84 1.36 -10.16
CA PHE B 200 -18.98 1.12 -11.58
C PHE B 200 -17.64 1.26 -12.32
N TRP B 201 -16.77 2.14 -11.84
CA TRP B 201 -15.42 2.23 -12.41
C TRP B 201 -14.61 0.99 -12.10
N ALA B 202 -14.65 0.53 -10.85
CA ALA B 202 -13.81 -0.60 -10.42
C ALA B 202 -14.13 -1.89 -11.16
N ILE B 203 -15.41 -2.17 -11.42
CA ILE B 203 -15.76 -3.48 -11.98
C ILE B 203 -15.47 -3.59 -13.47
N ARG B 204 -15.30 -2.47 -14.19
CA ARG B 204 -15.05 -2.49 -15.64
C ARG B 204 -13.54 -2.59 -15.90
N GLY B 205 -12.98 -3.76 -15.59
CA GLY B 205 -11.56 -3.98 -15.78
C GLY B 205 -10.75 -4.08 -14.50
N GLY B 206 -11.35 -3.83 -13.34
CA GLY B 206 -10.57 -4.01 -12.13
C GLY B 206 -10.64 -5.41 -11.54
N GLY B 207 -11.28 -6.35 -12.22
CA GLY B 207 -11.52 -7.67 -11.66
C GLY B 207 -12.78 -7.61 -10.83
N ALA B 208 -13.94 -7.68 -11.49
CA ALA B 208 -15.21 -7.44 -10.80
C ALA B 208 -15.42 -8.40 -9.64
N GLY B 209 -14.86 -9.61 -9.73
CA GLY B 209 -14.98 -10.64 -8.70
C GLY B 209 -14.30 -10.32 -7.39
N SER B 210 -13.53 -9.23 -7.31
CA SER B 210 -13.08 -8.73 -6.02
C SER B 210 -14.13 -7.87 -5.32
N PHE B 211 -15.18 -7.48 -6.02
CA PHE B 211 -16.14 -6.52 -5.51
C PHE B 211 -17.55 -7.07 -5.37
N GLY B 212 -17.89 -8.11 -6.11
CA GLY B 212 -19.25 -8.63 -6.10
C GLY B 212 -19.41 -9.66 -7.20
N ILE B 213 -20.64 -10.15 -7.33
CA ILE B 213 -21.00 -11.08 -8.38
C ILE B 213 -21.78 -10.28 -9.43
N VAL B 214 -21.20 -10.13 -10.61
CA VAL B 214 -21.92 -9.48 -11.71
C VAL B 214 -23.00 -10.43 -12.20
N LEU B 215 -24.24 -9.97 -12.18
CA LEU B 215 -25.31 -10.78 -12.71
C LEU B 215 -25.45 -10.59 -14.23
N ALA B 216 -25.17 -9.37 -14.71
CA ALA B 216 -25.37 -9.06 -16.11
C ALA B 216 -24.62 -7.79 -16.43
N TRP B 217 -24.17 -7.69 -17.69
CA TRP B 217 -23.57 -6.47 -18.22
C TRP B 217 -24.46 -5.87 -19.32
N LYS B 218 -24.50 -4.54 -19.37
CA LYS B 218 -25.10 -3.81 -20.47
C LYS B 218 -23.98 -3.21 -21.31
N ILE B 219 -24.03 -3.44 -22.61
CA ILE B 219 -22.94 -3.07 -23.50
C ILE B 219 -23.47 -2.18 -24.62
N ARG B 220 -22.61 -1.28 -25.08
CA ARG B 220 -22.88 -0.53 -26.29
C ARG B 220 -22.48 -1.37 -27.49
N LEU B 221 -23.39 -1.55 -28.43
CA LEU B 221 -23.05 -2.17 -29.69
C LEU B 221 -22.42 -1.14 -30.62
N VAL B 222 -21.41 -1.56 -31.37
CA VAL B 222 -20.65 -0.66 -32.21
C VAL B 222 -20.96 -0.93 -33.67
N ASN B 223 -20.70 0.07 -34.50
CA ASN B 223 -21.03 -0.03 -35.93
C ASN B 223 -19.83 -0.52 -36.72
N THR B 224 -20.08 -1.51 -37.57
CA THR B 224 -19.05 -2.05 -38.42
C THR B 224 -19.58 -2.16 -39.84
N PRO B 225 -18.73 -1.95 -40.84
CA PRO B 225 -19.14 -2.26 -42.22
C PRO B 225 -19.55 -3.72 -42.32
N SER B 226 -20.56 -3.99 -43.15
CA SER B 226 -21.10 -5.33 -43.24
C SER B 226 -20.13 -6.34 -43.85
N THR B 227 -19.08 -5.88 -44.53
CA THR B 227 -17.99 -6.76 -44.94
C THR B 227 -16.70 -6.25 -44.32
N VAL B 228 -15.91 -7.19 -43.80
CA VAL B 228 -14.54 -6.95 -43.37
C VAL B 228 -13.65 -7.82 -44.22
N THR B 229 -12.35 -7.55 -44.17
CA THR B 229 -11.37 -8.39 -44.84
C THR B 229 -10.35 -8.89 -43.83
N ILE B 230 -10.10 -10.20 -43.87
CA ILE B 230 -9.03 -10.81 -43.10
C ILE B 230 -7.91 -11.19 -44.06
N PHE B 231 -6.71 -11.40 -43.52
CA PHE B 231 -5.69 -12.11 -44.26
C PHE B 231 -4.93 -13.03 -43.32
N GLU B 232 -4.62 -14.22 -43.83
CA GLU B 232 -3.78 -15.22 -43.16
C GLU B 232 -2.51 -15.35 -44.03
N ALA B 233 -1.34 -15.15 -43.42
CA ALA B 233 -0.07 -15.29 -44.13
C ALA B 233 0.99 -15.99 -43.28
N VAL B 234 1.79 -16.82 -43.94
CA VAL B 234 2.88 -17.57 -43.32
C VAL B 234 4.17 -17.21 -44.06
N ARG B 235 5.21 -16.87 -43.29
CA ARG B 235 6.52 -16.55 -43.81
C ARG B 235 7.57 -17.34 -43.05
N SER B 236 8.77 -17.42 -43.62
CA SER B 236 9.87 -18.12 -42.99
C SER B 236 10.77 -17.11 -42.28
N TRP B 237 11.03 -17.34 -41.00
CA TRP B 237 11.79 -16.37 -40.22
C TRP B 237 13.23 -16.27 -40.70
N GLU B 238 13.72 -17.30 -41.39
CA GLU B 238 15.09 -17.31 -41.89
C GLU B 238 15.30 -16.30 -43.01
N ASN B 239 14.26 -16.02 -43.79
CA ASN B 239 14.38 -15.07 -44.89
C ASN B 239 14.53 -13.65 -44.35
N ASN B 240 15.42 -12.87 -44.96
CA ASN B 240 15.71 -11.52 -44.46
C ASN B 240 14.58 -10.55 -44.74
N THR B 241 13.74 -10.81 -45.75
CA THR B 241 12.58 -9.95 -45.94
C THR B 241 11.58 -10.11 -44.80
N THR B 242 11.50 -11.30 -44.20
CA THR B 242 10.65 -11.46 -43.02
C THR B 242 11.19 -10.64 -41.85
N LYS B 243 12.50 -10.69 -41.61
CA LYS B 243 13.09 -9.92 -40.51
C LYS B 243 12.85 -8.42 -40.70
N LYS B 244 12.93 -7.95 -41.95
CA LYS B 244 12.65 -6.53 -42.21
C LYS B 244 11.19 -6.21 -41.94
N PHE B 245 10.27 -7.09 -42.35
CA PHE B 245 8.86 -6.89 -42.05
C PHE B 245 8.64 -6.77 -40.54
N ILE B 246 9.24 -7.67 -39.75
CA ILE B 246 9.08 -7.66 -38.30
C ILE B 246 9.68 -6.40 -37.69
N ARG B 247 10.86 -5.97 -38.19
CA ARG B 247 11.40 -4.69 -37.73
C ARG B 247 10.44 -3.55 -38.02
N ARG B 248 9.75 -3.59 -39.15
CA ARG B 248 8.78 -2.55 -39.47
C ARG B 248 7.50 -2.74 -38.66
N TYR B 249 7.09 -3.98 -38.44
CA TYR B 249 5.89 -4.25 -37.64
C TYR B 249 6.01 -3.64 -36.25
N GLN B 250 7.16 -3.82 -35.61
CA GLN B 250 7.33 -3.32 -34.24
C GLN B 250 7.08 -1.83 -34.16
N ARG B 251 7.46 -1.09 -35.19
CA ARG B 251 7.36 0.36 -35.15
C ARG B 251 6.07 0.89 -35.77
N ARG B 252 5.46 0.16 -36.69
CA ARG B 252 4.30 0.69 -37.40
C ARG B 252 2.97 0.04 -37.01
N ALA B 253 2.96 -1.17 -36.44
CA ALA B 253 1.69 -1.89 -36.27
C ALA B 253 0.73 -1.18 -35.34
N SER B 254 1.24 -0.46 -34.34
CA SER B 254 0.36 0.25 -33.42
C SER B 254 0.03 1.65 -33.89
N LYS B 255 0.60 2.06 -35.02
CA LYS B 255 0.39 3.41 -35.56
C LYS B 255 -0.28 3.43 -36.92
N THR B 256 -0.53 2.29 -37.54
CA THR B 256 -1.22 2.25 -38.82
C THR B 256 -2.71 2.54 -38.60
N ASP B 257 -3.48 2.46 -39.70
CA ASP B 257 -4.90 2.77 -39.68
C ASP B 257 -5.61 1.98 -38.60
N LYS B 258 -6.40 2.69 -37.79
CA LYS B 258 -7.12 2.07 -36.68
C LYS B 258 -8.07 0.98 -37.15
N ASP B 259 -8.39 0.93 -38.45
CA ASP B 259 -9.23 -0.13 -39.00
C ASP B 259 -8.50 -1.46 -39.12
N LEU B 260 -7.17 -1.47 -39.01
CA LEU B 260 -6.37 -2.66 -39.25
C LEU B 260 -5.63 -3.05 -37.98
N THR B 261 -5.84 -4.27 -37.51
CA THR B 261 -4.91 -4.79 -36.52
C THR B 261 -4.34 -6.12 -37.00
N ILE B 262 -3.03 -6.22 -36.90
CA ILE B 262 -2.25 -7.35 -37.40
C ILE B 262 -1.65 -8.07 -36.21
N PHE B 263 -1.98 -9.35 -36.06
CA PHE B 263 -1.35 -10.23 -35.07
C PHE B 263 -0.17 -10.95 -35.71
N VAL B 264 0.88 -11.18 -34.93
CA VAL B 264 2.05 -11.93 -35.36
C VAL B 264 2.32 -13.06 -34.37
N GLY B 265 2.54 -14.26 -34.90
CA GLY B 265 2.95 -15.39 -34.08
C GLY B 265 4.21 -16.04 -34.62
N PHE B 266 4.94 -16.71 -33.72
CA PHE B 266 6.17 -17.41 -34.04
C PHE B 266 6.14 -18.80 -33.41
N ARG B 267 6.38 -19.82 -34.24
CA ARG B 267 6.49 -21.17 -33.73
C ARG B 267 7.42 -21.94 -34.66
N THR B 268 7.96 -23.05 -34.15
CA THR B 268 8.85 -23.87 -34.96
C THR B 268 8.05 -24.91 -35.73
N THR B 269 8.63 -25.35 -36.84
CA THR B 269 8.03 -26.39 -37.66
C THR B 269 9.13 -27.32 -38.16
N SER B 270 8.72 -28.47 -38.67
CA SER B 270 9.63 -29.53 -39.09
C SER B 270 9.48 -29.79 -40.59
N SER B 271 10.62 -29.90 -41.29
CA SER B 271 10.61 -30.29 -42.69
C SER B 271 11.89 -31.06 -42.99
N THR B 272 11.94 -31.64 -44.19
CA THR B 272 13.08 -32.43 -44.65
C THR B 272 13.96 -31.54 -45.53
N ASP B 273 15.25 -31.47 -45.19
CA ASP B 273 16.15 -30.55 -45.91
C ASP B 273 16.62 -31.12 -47.25
N GLU B 274 17.81 -30.67 -47.68
CA GLU B 274 18.34 -31.09 -48.98
C GLU B 274 18.66 -32.59 -48.99
N GLU B 275 19.38 -33.06 -47.98
CA GLU B 275 19.47 -34.50 -47.73
C GLU B 275 18.16 -34.95 -47.09
N GLY B 276 18.13 -36.15 -46.55
CA GLY B 276 16.88 -36.62 -45.98
C GLY B 276 16.72 -36.27 -44.52
N ASN B 277 17.33 -35.18 -44.08
CA ASN B 277 17.41 -34.88 -42.65
C ASN B 277 16.29 -33.92 -42.23
N GLU B 278 15.65 -34.25 -41.13
CA GLU B 278 14.72 -33.33 -40.48
C GLU B 278 15.43 -32.04 -40.10
N ARG B 279 14.88 -30.90 -40.54
CA ARG B 279 15.33 -29.58 -40.10
C ARG B 279 14.18 -28.87 -39.40
N ILE B 280 14.50 -28.21 -38.27
CA ILE B 280 13.56 -27.40 -37.51
C ILE B 280 13.81 -25.94 -37.87
N SER B 281 12.74 -25.18 -38.09
CA SER B 281 12.86 -23.77 -38.41
C SER B 281 11.65 -23.03 -37.86
N ILE B 282 11.69 -21.70 -37.94
CA ILE B 282 10.72 -20.84 -37.28
C ILE B 282 9.81 -20.24 -38.34
N LEU B 283 8.50 -20.46 -38.17
CA LEU B 283 7.48 -19.83 -38.98
C LEU B 283 7.04 -18.51 -38.36
N THR B 284 6.88 -17.50 -39.19
CA THR B 284 6.22 -16.25 -38.83
C THR B 284 4.81 -16.27 -39.37
N ILE B 285 3.84 -16.31 -38.47
CA ILE B 285 2.43 -16.39 -38.80
C ILE B 285 1.84 -15.00 -38.62
N VAL B 286 1.18 -14.49 -39.65
CA VAL B 286 0.61 -13.15 -39.66
C VAL B 286 -0.87 -13.28 -39.98
N SER B 287 -1.71 -12.66 -39.16
CA SER B 287 -3.15 -12.67 -39.38
C SER B 287 -3.68 -11.29 -39.04
N ALA B 288 -4.80 -10.92 -39.65
CA ALA B 288 -5.26 -9.56 -39.54
C ALA B 288 -6.74 -9.49 -39.83
N THR B 289 -7.41 -8.56 -39.17
CA THR B 289 -8.78 -8.18 -39.48
C THR B 289 -8.77 -6.72 -39.89
N PHE B 290 -9.47 -6.40 -41.00
CA PHE B 290 -9.53 -5.05 -41.53
C PHE B 290 -10.99 -4.66 -41.68
N HIS B 291 -11.39 -3.58 -41.01
CA HIS B 291 -12.76 -3.07 -41.16
C HIS B 291 -12.83 -2.22 -42.43
N GLY B 292 -12.75 -2.93 -43.57
CA GLY B 292 -12.74 -2.28 -44.86
C GLY B 292 -12.63 -3.32 -45.96
N SER B 293 -12.52 -2.81 -47.18
CA SER B 293 -12.55 -3.65 -48.38
C SER B 293 -11.17 -4.21 -48.70
N LYS B 294 -11.19 -5.35 -49.41
CA LYS B 294 -9.97 -6.04 -49.79
C LYS B 294 -9.02 -5.14 -50.58
N ASP B 295 -9.55 -4.39 -51.56
CA ASP B 295 -8.70 -3.51 -52.36
C ASP B 295 -8.05 -2.43 -51.50
N ARG B 296 -8.81 -1.84 -50.58
CA ARG B 296 -8.22 -0.88 -49.63
C ARG B 296 -7.18 -1.59 -48.74
N LEU B 297 -7.47 -2.83 -48.33
CA LEU B 297 -6.52 -3.55 -47.48
C LEU B 297 -5.19 -3.77 -48.22
N LEU B 298 -5.25 -4.17 -49.48
CA LEU B 298 -4.02 -4.48 -50.20
C LEU B 298 -3.17 -3.24 -50.39
N GLN B 299 -3.78 -2.10 -50.72
CA GLN B 299 -3.00 -0.88 -50.94
C GLN B 299 -2.35 -0.39 -49.65
N LEU B 300 -3.06 -0.52 -48.53
CA LEU B 300 -2.52 -0.04 -47.25
C LEU B 300 -1.32 -0.86 -46.82
N VAL B 301 -1.47 -2.18 -46.83
CA VAL B 301 -0.39 -3.07 -46.39
C VAL B 301 0.81 -2.98 -47.34
N GLN B 302 0.55 -3.00 -48.65
CA GLN B 302 1.63 -2.87 -49.62
C GLN B 302 2.35 -1.53 -49.48
N LYS B 303 1.65 -0.48 -49.07
CA LYS B 303 2.34 0.79 -48.86
C LYS B 303 3.07 0.82 -47.53
N GLU B 304 2.43 0.39 -46.45
CA GLU B 304 3.02 0.55 -45.13
C GLU B 304 3.88 -0.63 -44.70
N PHE B 305 3.61 -1.82 -45.23
CA PHE B 305 4.35 -3.03 -44.87
C PHE B 305 4.81 -3.76 -46.13
N PRO B 306 5.59 -3.11 -46.99
CA PRO B 306 5.94 -3.74 -48.28
C PRO B 306 6.71 -5.05 -48.11
N ASP B 307 7.52 -5.18 -47.06
CA ASP B 307 8.30 -6.41 -46.93
C ASP B 307 7.45 -7.61 -46.56
N LEU B 308 6.18 -7.43 -46.19
CA LEU B 308 5.30 -8.59 -46.02
C LEU B 308 5.02 -9.28 -47.34
N GLY B 309 5.00 -8.54 -48.44
CA GLY B 309 4.59 -9.15 -49.71
C GLY B 309 3.20 -9.72 -49.69
N LEU B 310 2.24 -9.02 -49.06
CA LEU B 310 0.86 -9.46 -49.07
C LEU B 310 0.30 -9.47 -50.49
N VAL B 311 -0.39 -10.56 -50.85
CA VAL B 311 -1.01 -10.70 -52.16
C VAL B 311 -2.50 -10.98 -51.98
N SER B 312 -3.27 -10.71 -53.04
CA SER B 312 -4.73 -10.81 -52.96
C SER B 312 -5.19 -12.21 -52.62
N GLU B 313 -4.42 -13.23 -52.99
CA GLU B 313 -4.81 -14.61 -52.70
C GLU B 313 -4.76 -14.94 -51.21
N GLU B 314 -4.15 -14.08 -50.39
CA GLU B 314 -4.11 -14.29 -48.95
C GLU B 314 -5.21 -13.55 -48.19
N CYS B 315 -6.08 -12.82 -48.90
CA CYS B 315 -7.08 -11.95 -48.31
C CYS B 315 -8.48 -12.41 -48.67
N THR B 316 -9.40 -12.34 -47.71
CA THR B 316 -10.77 -12.76 -47.95
C THR B 316 -11.73 -11.76 -47.33
N GLU B 317 -12.76 -11.41 -48.09
CA GLU B 317 -13.84 -10.60 -47.59
C GLU B 317 -14.93 -11.50 -47.01
N MET B 318 -15.57 -11.00 -45.96
CA MET B 318 -16.63 -11.75 -45.30
C MET B 318 -17.28 -10.83 -44.28
N SER B 319 -18.39 -11.28 -43.73
CA SER B 319 -19.01 -10.55 -42.65
C SER B 319 -18.16 -10.64 -41.39
N TRP B 320 -18.39 -9.70 -40.47
CA TRP B 320 -17.61 -9.68 -39.25
C TRP B 320 -17.78 -10.97 -38.44
N VAL B 321 -19.02 -11.46 -38.31
CA VAL B 321 -19.24 -12.67 -37.52
C VAL B 321 -18.61 -13.88 -38.19
N ARG B 322 -18.56 -13.88 -39.51
CA ARG B 322 -17.89 -14.95 -40.24
C ARG B 322 -16.38 -14.92 -39.99
N SER B 323 -15.79 -13.72 -39.89
CA SER B 323 -14.38 -13.62 -39.55
C SER B 323 -14.10 -14.23 -38.17
N ILE B 324 -14.98 -14.00 -37.20
CA ILE B 324 -14.81 -14.59 -35.87
C ILE B 324 -14.89 -16.09 -35.95
N ILE B 325 -15.82 -16.60 -36.76
CA ILE B 325 -15.97 -18.04 -36.95
C ILE B 325 -14.72 -18.64 -37.58
N HIS B 326 -14.14 -17.94 -38.58
CA HIS B 326 -12.91 -18.44 -39.18
C HIS B 326 -11.78 -18.49 -38.16
N PHE B 327 -11.65 -17.46 -37.32
CA PHE B 327 -10.55 -17.47 -36.37
C PHE B 327 -10.77 -18.47 -35.25
N ASN B 328 -12.01 -18.92 -35.02
CA ASN B 328 -12.23 -20.06 -34.16
C ASN B 328 -11.95 -21.39 -34.85
N LEU B 329 -11.36 -21.35 -36.05
CA LEU B 329 -10.90 -22.53 -36.79
C LEU B 329 -12.07 -23.36 -37.31
N PHE B 330 -13.20 -22.72 -37.62
CA PHE B 330 -14.24 -23.32 -38.43
C PHE B 330 -14.13 -22.83 -39.87
N GLY B 331 -14.95 -23.42 -40.74
CA GLY B 331 -15.05 -22.90 -42.10
C GLY B 331 -14.15 -23.60 -43.09
N ASP B 332 -14.04 -23.00 -44.27
CA ASP B 332 -13.45 -23.65 -45.45
C ASP B 332 -14.03 -25.06 -45.61
N GLU B 333 -15.33 -25.04 -45.93
CA GLU B 333 -16.37 -26.01 -45.63
C GLU B 333 -17.56 -25.18 -45.13
N VAL B 334 -17.23 -24.15 -44.36
CA VAL B 334 -18.09 -23.05 -43.90
C VAL B 334 -19.40 -23.58 -43.31
N PRO B 335 -19.43 -23.82 -42.01
CA PRO B 335 -20.59 -24.43 -41.36
C PRO B 335 -21.64 -23.39 -40.99
N LEU B 336 -22.74 -23.89 -40.42
CA LEU B 336 -23.81 -23.02 -39.98
C LEU B 336 -23.32 -22.13 -38.84
N GLU B 337 -23.84 -20.91 -38.79
CA GLU B 337 -23.34 -20.02 -37.76
C GLU B 337 -23.85 -20.37 -36.36
N VAL B 338 -24.72 -21.39 -36.26
CA VAL B 338 -25.14 -21.96 -34.99
C VAL B 338 -23.96 -22.68 -34.31
N LEU B 339 -22.82 -22.76 -34.99
CA LEU B 339 -21.61 -23.26 -34.35
C LEU B 339 -21.20 -22.38 -33.17
N LEU B 340 -21.54 -21.09 -33.20
CA LEU B 340 -21.19 -20.21 -32.10
C LEU B 340 -21.89 -20.58 -30.81
N ASN B 341 -22.96 -21.37 -30.87
CA ASN B 341 -23.74 -21.76 -29.71
C ASN B 341 -23.24 -23.02 -29.01
N ARG B 342 -22.33 -23.79 -29.61
CA ARG B 342 -21.86 -25.04 -29.02
C ARG B 342 -20.65 -24.74 -28.13
N THR B 343 -20.84 -24.91 -26.82
CA THR B 343 -19.76 -24.71 -25.85
C THR B 343 -18.81 -25.90 -25.78
N LEU B 344 -19.19 -27.05 -26.35
CA LEU B 344 -18.55 -28.31 -26.05
C LEU B 344 -17.09 -28.39 -26.51
N ASN B 345 -16.66 -27.56 -27.45
CA ASN B 345 -15.30 -27.65 -27.98
C ASN B 345 -14.31 -26.69 -27.27
N MET B 348 -7.10 -31.59 -26.07
CA MET B 348 -6.73 -30.24 -25.68
C MET B 348 -5.48 -30.29 -24.80
N LYS B 349 -4.51 -29.42 -25.12
CA LYS B 349 -3.21 -29.46 -24.48
C LYS B 349 -3.17 -28.56 -23.25
N ALA B 350 -2.45 -29.01 -22.22
CA ALA B 350 -2.12 -28.17 -21.08
C ALA B 350 -1.20 -27.04 -21.53
N PHE B 351 -1.32 -25.88 -20.87
CA PHE B 351 -0.48 -24.74 -21.25
C PHE B 351 -0.20 -23.82 -20.07
N LYS B 352 0.83 -23.00 -20.27
CA LYS B 352 1.21 -21.92 -19.39
C LYS B 352 1.56 -20.74 -20.27
N LEU B 353 1.16 -19.53 -19.85
CA LEU B 353 1.52 -18.34 -20.59
C LEU B 353 1.82 -17.19 -19.63
N ARG B 354 2.60 -16.24 -20.14
CA ARG B 354 2.91 -14.96 -19.50
C ARG B 354 2.89 -13.89 -20.59
N SER B 355 2.91 -12.62 -20.18
CA SER B 355 2.87 -11.54 -21.17
C SER B 355 3.60 -10.31 -20.61
N ASP B 356 3.94 -9.41 -21.54
CA ASP B 356 4.76 -8.24 -21.29
C ASP B 356 4.25 -7.12 -22.19
N TYR B 357 4.51 -5.89 -21.79
CA TYR B 357 4.22 -4.70 -22.60
C TYR B 357 5.53 -4.17 -23.17
N VAL B 358 5.58 -4.05 -24.50
CA VAL B 358 6.74 -3.53 -25.21
C VAL B 358 6.44 -2.07 -25.56
N GLN B 359 7.29 -1.16 -25.09
CA GLN B 359 7.05 0.26 -25.29
C GLN B 359 8.05 0.91 -26.23
N LYS B 360 9.20 0.29 -26.45
CA LYS B 360 10.10 0.66 -27.52
C LYS B 360 10.56 -0.60 -28.23
N PRO B 361 10.88 -0.51 -29.53
CA PRO B 361 11.12 -1.73 -30.32
C PRO B 361 12.21 -2.62 -29.71
N ILE B 362 11.97 -3.91 -29.77
CA ILE B 362 12.99 -4.86 -29.31
C ILE B 362 14.12 -4.89 -30.32
N PRO B 363 15.38 -4.77 -29.88
CA PRO B 363 16.50 -4.85 -30.84
C PRO B 363 16.50 -6.17 -31.59
N ASP B 364 16.97 -6.11 -32.84
CA ASP B 364 16.92 -7.26 -33.74
C ASP B 364 17.64 -8.46 -33.13
N ASP B 365 18.85 -8.26 -32.61
CA ASP B 365 19.58 -9.41 -32.07
C ASP B 365 18.93 -9.96 -30.81
N VAL B 366 18.31 -9.09 -30.02
CA VAL B 366 17.57 -9.59 -28.85
C VAL B 366 16.41 -10.45 -29.30
N LEU B 367 15.71 -10.03 -30.36
CA LEU B 367 14.59 -10.82 -30.85
C LEU B 367 15.06 -12.17 -31.40
N GLU B 368 16.19 -12.18 -32.13
CA GLU B 368 16.73 -13.46 -32.58
C GLU B 368 16.99 -14.41 -31.41
N LYS B 369 17.52 -13.87 -30.31
CA LYS B 369 17.85 -14.74 -29.18
C LYS B 369 16.58 -15.23 -28.49
N LEU B 370 15.57 -14.37 -28.35
CA LEU B 370 14.30 -14.82 -27.78
C LEU B 370 13.69 -15.93 -28.62
N LEU B 371 13.60 -15.73 -29.94
CA LEU B 371 12.96 -16.71 -30.79
C LEU B 371 13.75 -18.02 -30.82
N SER B 372 15.08 -17.96 -30.72
CA SER B 372 15.84 -19.21 -30.76
C SER B 372 15.47 -20.12 -29.59
N LYS B 373 14.94 -19.57 -28.50
CA LYS B 373 14.49 -20.42 -27.40
C LYS B 373 13.32 -21.31 -27.80
N LEU B 374 12.63 -20.99 -28.90
CA LEU B 374 11.61 -21.91 -29.42
C LEU B 374 12.21 -23.26 -29.78
N TYR B 375 13.48 -23.31 -30.22
CA TYR B 375 14.10 -24.59 -30.55
C TYR B 375 14.35 -25.46 -29.32
N ASP B 376 14.33 -24.89 -28.11
CA ASP B 376 14.60 -25.63 -26.88
C ASP B 376 13.41 -26.44 -26.38
N GLU B 377 12.24 -26.28 -27.02
CA GLU B 377 11.04 -27.01 -26.67
C GLU B 377 10.65 -27.96 -27.80
N GLU B 378 9.77 -28.88 -27.45
CA GLU B 378 9.12 -29.75 -28.42
C GLU B 378 8.64 -28.94 -29.63
N THR B 379 8.85 -29.48 -30.84
CA THR B 379 8.55 -28.75 -32.08
C THR B 379 7.09 -28.27 -32.13
N GLY B 380 6.90 -26.97 -32.34
CA GLY B 380 5.58 -26.37 -32.45
C GLY B 380 4.86 -26.06 -31.15
N GLU B 381 5.45 -26.37 -30.00
CA GLU B 381 4.76 -26.26 -28.72
C GLU B 381 4.98 -24.94 -28.01
N GLY B 382 6.14 -24.31 -28.18
CA GLY B 382 6.30 -22.93 -27.76
C GLY B 382 5.69 -21.98 -28.80
N TYR B 383 5.19 -20.85 -28.31
CA TYR B 383 4.49 -19.90 -29.19
C TYR B 383 4.70 -18.50 -28.63
N ILE B 384 5.17 -17.58 -29.47
CA ILE B 384 5.37 -16.18 -29.11
C ILE B 384 4.53 -15.31 -30.05
N GLU B 385 3.78 -14.38 -29.47
CA GLU B 385 2.74 -13.62 -30.15
C GLU B 385 2.85 -12.13 -29.82
N PHE B 386 2.61 -11.28 -30.82
CA PHE B 386 2.54 -9.83 -30.65
C PHE B 386 1.09 -9.39 -30.89
N PHE B 387 0.56 -8.60 -29.98
CA PHE B 387 -0.79 -8.06 -30.10
C PHE B 387 -0.69 -6.54 -30.04
N PRO B 388 -0.88 -5.84 -31.15
CA PRO B 388 -0.59 -4.40 -31.19
C PRO B 388 -1.59 -3.57 -30.39
N TYR B 389 -1.10 -2.50 -29.79
CA TYR B 389 -1.93 -1.62 -28.98
C TYR B 389 -1.92 -0.18 -29.47
N GLY B 390 -2.33 0.10 -30.67
CA GLY B 390 -2.47 1.54 -30.87
C GLY B 390 -3.88 2.04 -31.10
N GLY B 391 -4.03 3.04 -31.94
CA GLY B 391 -5.35 3.44 -32.41
C GLY B 391 -6.18 3.98 -31.27
N LYS B 392 -7.36 3.39 -31.07
CA LYS B 392 -8.25 3.83 -30.02
C LYS B 392 -7.61 3.71 -28.63
N MET B 393 -6.69 2.74 -28.45
CA MET B 393 -6.07 2.56 -27.15
C MET B 393 -5.21 3.74 -26.76
N SER B 394 -4.66 4.46 -27.73
CA SER B 394 -3.89 5.67 -27.47
C SER B 394 -4.74 6.89 -27.14
N LYS B 395 -6.06 6.85 -27.36
CA LYS B 395 -6.90 8.02 -27.16
C LYS B 395 -7.80 7.91 -25.93
N ILE B 396 -7.69 6.82 -25.16
CA ILE B 396 -8.40 6.68 -23.89
C ILE B 396 -7.38 6.92 -22.79
N SER B 397 -7.78 7.67 -21.77
CA SER B 397 -6.86 7.98 -20.68
C SER B 397 -6.58 6.74 -19.81
N GLU B 398 -5.49 6.84 -19.05
CA GLU B 398 -4.96 5.74 -18.25
C GLU B 398 -5.85 5.39 -17.06
N SER B 399 -6.84 6.22 -16.71
CA SER B 399 -7.66 5.93 -15.56
C SER B 399 -9.14 6.07 -15.89
N GLU B 400 -9.49 6.15 -17.17
CA GLU B 400 -10.88 6.09 -17.58
C GLU B 400 -11.56 4.86 -16.98
N ILE B 401 -10.91 3.70 -17.12
CA ILE B 401 -11.25 2.49 -16.35
C ILE B 401 -9.97 2.03 -15.66
N PRO B 402 -10.00 0.96 -14.84
CA PRO B 402 -8.78 0.55 -14.12
C PRO B 402 -7.64 0.07 -15.00
N PHE B 403 -7.90 -0.36 -16.23
CA PHE B 403 -6.84 -0.76 -17.17
C PHE B 403 -5.99 0.43 -17.62
N PRO B 404 -4.67 0.41 -17.37
CA PRO B 404 -3.86 1.61 -17.56
C PRO B 404 -2.93 1.62 -18.77
N TYR B 405 -2.89 0.54 -19.56
CA TYR B 405 -1.90 0.43 -20.65
C TYR B 405 -2.50 1.05 -21.93
N ARG B 406 -2.29 2.35 -22.08
CA ARG B 406 -2.91 3.09 -23.19
C ARG B 406 -1.79 3.61 -24.07
N ALA B 407 -1.71 4.93 -24.29
CA ALA B 407 -0.68 5.51 -25.16
C ALA B 407 0.72 5.12 -24.67
N GLY B 408 1.60 4.85 -25.63
CA GLY B 408 2.98 4.53 -25.32
C GLY B 408 3.30 3.05 -25.34
N ASN B 409 2.31 2.19 -25.53
CA ASN B 409 2.56 0.76 -25.63
C ASN B 409 2.48 0.36 -27.08
N LEU B 410 3.56 -0.25 -27.59
CA LEU B 410 3.55 -0.71 -28.97
C LEU B 410 2.69 -1.95 -29.12
N TYR B 411 2.90 -2.96 -28.27
CA TYR B 411 2.15 -4.19 -28.37
C TYR B 411 2.29 -4.99 -27.08
N ASN B 412 1.37 -5.91 -26.89
CA ASN B 412 1.45 -6.89 -25.82
C ASN B 412 2.13 -8.14 -26.37
N LEU B 413 3.20 -8.57 -25.69
CA LEU B 413 4.02 -9.70 -26.10
C LEU B 413 3.69 -10.88 -25.20
N ARG B 414 3.17 -11.95 -25.78
CA ARG B 414 2.72 -13.10 -25.01
C ARG B 414 3.62 -14.31 -25.28
N TYR B 415 4.11 -14.93 -24.21
CA TYR B 415 4.86 -16.17 -24.28
C TYR B 415 3.95 -17.30 -23.85
N MET B 416 3.93 -18.39 -24.63
CA MET B 416 3.10 -19.55 -24.29
C MET B 416 3.85 -20.83 -24.61
N VAL B 417 3.60 -21.87 -23.83
CA VAL B 417 4.07 -23.22 -24.14
C VAL B 417 2.97 -24.19 -23.78
N SER B 418 2.83 -25.23 -24.60
CA SER B 418 1.83 -26.29 -24.46
C SER B 418 2.52 -27.63 -24.35
N TRP B 419 1.82 -28.58 -23.73
CA TRP B 419 2.33 -29.94 -23.61
C TRP B 419 1.16 -30.86 -23.34
N LYS B 420 1.41 -32.16 -23.44
CA LYS B 420 0.39 -33.16 -23.19
C LYS B 420 0.39 -33.46 -21.70
N ASP B 421 -0.76 -33.24 -21.06
CA ASP B 421 -0.87 -33.42 -19.62
C ASP B 421 -0.90 -34.91 -19.29
N ASP B 422 0.09 -35.36 -18.54
CA ASP B 422 0.17 -36.75 -18.11
C ASP B 422 -0.11 -36.94 -16.62
N GLY B 423 -0.27 -35.85 -15.87
CA GLY B 423 -0.40 -35.92 -14.43
C GLY B 423 0.92 -35.86 -13.69
N ASN B 424 2.05 -35.94 -14.38
CA ASN B 424 3.35 -35.79 -13.73
C ASN B 424 3.64 -34.30 -13.56
N ILE B 425 3.76 -33.86 -12.31
CA ILE B 425 4.14 -32.48 -12.01
C ILE B 425 5.51 -32.17 -12.58
N THR B 426 6.32 -33.19 -12.84
CA THR B 426 7.65 -32.95 -13.34
C THR B 426 7.64 -32.51 -14.80
N ARG B 427 6.70 -33.02 -15.60
CA ARG B 427 6.54 -32.53 -16.97
C ARG B 427 6.02 -31.08 -16.97
N THR B 428 5.06 -30.78 -16.10
CA THR B 428 4.58 -29.39 -15.97
C THR B 428 5.72 -28.44 -15.61
N ASN B 429 6.59 -28.87 -14.69
CA ASN B 429 7.62 -27.97 -14.18
C ASN B 429 8.71 -27.70 -15.21
N MET B 430 9.07 -28.71 -15.99
CA MET B 430 9.97 -28.51 -17.13
C MET B 430 9.48 -27.38 -18.04
N HIS B 431 8.19 -27.37 -18.36
CA HIS B 431 7.64 -26.33 -19.22
C HIS B 431 7.50 -25.00 -18.49
N LEU B 432 7.24 -24.99 -17.17
CA LEU B 432 7.28 -23.74 -16.42
C LEU B 432 8.68 -23.16 -16.45
N SER B 433 9.70 -24.01 -16.38
CA SER B 433 11.08 -23.55 -16.46
C SER B 433 11.37 -22.91 -17.81
N TRP B 434 10.87 -23.48 -18.90
CA TRP B 434 11.06 -22.88 -20.22
C TRP B 434 10.48 -21.47 -20.27
N ILE B 435 9.24 -21.33 -19.78
CA ILE B 435 8.56 -20.03 -19.78
C ILE B 435 9.33 -19.00 -18.97
N LYS B 436 9.81 -19.39 -17.79
CA LYS B 436 10.57 -18.49 -16.94
C LYS B 436 11.85 -18.01 -17.62
N ASP B 437 12.56 -18.92 -18.29
CA ASP B 437 13.80 -18.54 -18.95
C ASP B 437 13.56 -17.48 -20.02
N ALA B 438 12.52 -17.64 -20.85
CA ALA B 438 12.20 -16.63 -21.86
C ALA B 438 11.80 -15.31 -21.22
N TYR B 439 10.97 -15.40 -20.17
CA TYR B 439 10.45 -14.20 -19.51
C TYR B 439 11.55 -13.42 -18.80
N ASP B 440 12.43 -14.12 -18.07
CA ASP B 440 13.52 -13.46 -17.38
C ASP B 440 14.47 -12.81 -18.37
N TYR B 441 14.72 -13.47 -19.50
CA TYR B 441 15.64 -12.94 -20.51
C TYR B 441 15.15 -11.61 -21.06
N MET B 442 13.84 -11.41 -21.18
CA MET B 442 13.31 -10.19 -21.75
C MET B 442 13.24 -9.02 -20.77
N THR B 443 13.58 -9.23 -19.49
CA THR B 443 13.45 -8.20 -18.46
C THR B 443 13.97 -6.82 -18.90
N PRO B 444 15.18 -6.67 -19.45
CA PRO B 444 15.66 -5.32 -19.81
C PRO B 444 14.93 -4.65 -20.97
N TYR B 445 14.03 -5.34 -21.67
CA TYR B 445 13.51 -4.81 -22.93
C TYR B 445 12.02 -4.51 -22.92
N VAL B 446 11.35 -4.68 -21.77
CA VAL B 446 9.90 -4.51 -21.66
C VAL B 446 9.60 -3.47 -20.59
N SER B 447 8.33 -3.17 -20.36
CA SER B 447 7.97 -2.16 -19.36
C SER B 447 8.57 -2.54 -18.01
N LYS B 448 8.83 -1.54 -17.18
CA LYS B 448 9.88 -1.70 -16.18
C LYS B 448 9.39 -1.51 -14.74
N ASP B 449 8.91 -0.34 -14.35
CA ASP B 449 8.75 -0.03 -12.93
C ASP B 449 7.33 0.43 -12.63
N PRO B 450 6.37 -0.50 -12.47
CA PRO B 450 6.63 -1.94 -12.43
C PRO B 450 6.49 -2.58 -13.81
N ARG B 451 6.92 -3.84 -13.90
CA ARG B 451 6.76 -4.64 -15.11
C ARG B 451 5.29 -4.92 -15.32
N GLY B 452 4.71 -4.34 -16.36
CA GLY B 452 3.29 -4.46 -16.57
C GLY B 452 2.87 -5.88 -16.92
N ALA B 453 1.64 -6.21 -16.55
CA ALA B 453 0.99 -7.44 -16.96
C ALA B 453 -0.47 -7.10 -17.26
N TYR B 454 -1.16 -8.07 -17.86
CA TYR B 454 -2.54 -7.87 -18.31
C TYR B 454 -3.43 -8.87 -17.58
N LEU B 455 -4.45 -8.34 -16.88
CA LEU B 455 -5.27 -9.12 -15.95
C LEU B 455 -5.96 -10.30 -16.63
N ASN B 456 -6.46 -10.12 -17.85
CA ASN B 456 -7.13 -11.25 -18.52
C ASN B 456 -6.13 -12.25 -19.09
N PHE B 457 -4.85 -11.92 -19.15
CA PHE B 457 -3.78 -12.92 -19.30
C PHE B 457 -3.21 -13.25 -17.92
N ARG B 458 -4.08 -13.82 -17.09
CA ARG B 458 -3.80 -13.95 -15.66
C ARG B 458 -2.54 -14.80 -15.40
N ASP B 459 -1.69 -14.30 -14.52
CA ASP B 459 -0.37 -14.88 -14.28
C ASP B 459 -0.08 -14.85 -12.79
N LEU B 460 -0.05 -16.02 -12.14
CA LEU B 460 0.26 -16.03 -10.70
C LEU B 460 1.74 -15.73 -10.43
N ASP B 461 2.61 -15.89 -11.42
CA ASP B 461 4.04 -15.68 -11.18
C ASP B 461 4.45 -14.22 -11.00
N ILE B 462 3.54 -13.26 -11.19
CA ILE B 462 3.88 -11.87 -10.90
C ILE B 462 3.67 -11.52 -9.43
N GLY B 463 3.18 -12.47 -8.62
CA GLY B 463 2.92 -12.26 -7.20
C GLY B 463 1.49 -12.67 -6.90
N VAL B 464 1.30 -13.20 -5.68
CA VAL B 464 -0.02 -13.53 -5.15
C VAL B 464 -0.17 -12.90 -3.77
N ASN B 465 -1.38 -12.97 -3.23
CA ASN B 465 -1.63 -12.43 -1.90
C ASN B 465 -1.04 -13.33 -0.81
N VAL B 466 -0.69 -12.72 0.31
CA VAL B 466 -0.42 -13.49 1.53
C VAL B 466 -1.73 -13.68 2.29
N ASN B 467 -1.66 -14.29 3.47
CA ASN B 467 -2.84 -14.47 4.30
C ASN B 467 -3.41 -13.12 4.73
N GLU B 468 -4.74 -13.02 4.75
CA GLU B 468 -5.39 -11.72 4.96
C GLU B 468 -5.20 -11.18 6.37
N SER B 469 -4.80 -12.02 7.32
CA SER B 469 -4.48 -11.53 8.65
C SER B 469 -3.02 -11.16 8.81
N ASP B 470 -2.20 -11.35 7.79
CA ASP B 470 -0.82 -10.90 7.86
C ASP B 470 -0.75 -9.39 7.80
N TYR B 471 0.22 -8.84 8.54
CA TYR B 471 0.31 -7.40 8.70
C TYR B 471 0.63 -6.71 7.36
N ASP B 472 1.32 -7.39 6.43
CA ASP B 472 1.68 -6.78 5.15
C ASP B 472 0.73 -7.18 4.00
N TYR B 473 -0.53 -7.48 4.31
CA TYR B 473 -1.46 -8.00 3.33
C TYR B 473 -1.67 -7.02 2.18
N VAL B 474 -1.80 -5.73 2.50
CA VAL B 474 -2.06 -4.72 1.48
C VAL B 474 -0.83 -4.53 0.60
N ALA B 475 0.35 -4.35 1.20
CA ALA B 475 1.54 -4.06 0.40
C ALA B 475 1.95 -5.25 -0.45
N LYS B 476 1.80 -6.47 0.08
CA LYS B 476 2.03 -7.66 -0.74
C LYS B 476 1.10 -7.68 -1.95
N ALA B 477 -0.18 -7.33 -1.74
CA ALA B 477 -1.11 -7.30 -2.87
C ALA B 477 -0.68 -6.27 -3.91
N SER B 478 0.00 -5.20 -3.47
CA SER B 478 0.36 -4.14 -4.40
C SER B 478 1.45 -4.58 -5.36
N VAL B 479 2.17 -5.67 -5.05
CA VAL B 479 3.20 -6.19 -5.95
C VAL B 479 2.61 -6.59 -7.31
N TRP B 480 1.61 -7.48 -7.30
CA TRP B 480 0.92 -7.83 -8.54
C TRP B 480 -0.10 -6.75 -8.92
N GLY B 481 -0.67 -6.07 -7.92
CA GLY B 481 -1.72 -5.09 -8.21
C GLY B 481 -1.23 -3.94 -9.08
N THR B 482 -0.05 -3.41 -8.78
CA THR B 482 0.45 -2.34 -9.64
C THR B 482 1.00 -2.86 -10.95
N LYS B 483 1.18 -4.17 -11.11
CA LYS B 483 1.53 -4.67 -12.44
C LYS B 483 0.31 -4.67 -13.36
N TYR B 484 -0.85 -5.14 -12.86
CA TYR B 484 -2.08 -5.14 -13.67
C TYR B 484 -2.61 -3.73 -13.88
N PHE B 485 -2.85 -3.05 -12.79
CA PHE B 485 -3.28 -1.69 -12.80
C PHE B 485 -1.99 -0.97 -12.53
N ARG B 486 -1.94 0.33 -12.50
CA ARG B 486 -0.68 0.89 -12.01
C ARG B 486 -1.08 1.70 -10.80
N ASN B 487 -1.19 3.02 -10.95
CA ASN B 487 -1.71 3.86 -9.89
C ASN B 487 -3.21 3.70 -9.71
N ASN B 488 -3.89 2.99 -10.60
CA ASN B 488 -5.28 2.68 -10.36
C ASN B 488 -5.46 1.69 -9.22
N PHE B 489 -4.39 0.98 -8.83
CA PHE B 489 -4.51 0.00 -7.75
C PHE B 489 -4.96 0.63 -6.43
N TYR B 490 -4.39 1.79 -6.04
CA TYR B 490 -4.68 2.34 -4.71
C TYR B 490 -6.09 2.86 -4.62
N ARG B 491 -6.65 3.26 -5.75
CA ARG B 491 -8.06 3.64 -5.77
C ARG B 491 -8.96 2.41 -5.70
N LEU B 492 -8.55 1.29 -6.33
CA LEU B 492 -9.30 0.05 -6.18
C LEU B 492 -9.32 -0.43 -4.72
N VAL B 493 -8.20 -0.28 -4.00
CA VAL B 493 -8.16 -0.67 -2.59
C VAL B 493 -9.15 0.14 -1.78
N ASP B 494 -9.18 1.47 -1.97
CA ASP B 494 -10.10 2.29 -1.19
C ASP B 494 -11.56 1.94 -1.52
N ILE B 495 -11.85 1.62 -2.79
CA ILE B 495 -13.20 1.26 -3.18
C ILE B 495 -13.59 -0.09 -2.58
N LYS B 496 -12.64 -1.04 -2.59
CA LYS B 496 -12.86 -2.34 -1.96
C LYS B 496 -13.14 -2.20 -0.47
N THR B 497 -12.48 -1.24 0.19
CA THR B 497 -12.69 -1.01 1.62
C THR B 497 -14.13 -0.62 1.91
N ILE B 498 -14.72 0.15 1.01
CA ILE B 498 -16.08 0.65 1.21
C ILE B 498 -17.11 -0.44 0.90
N VAL B 499 -16.95 -1.17 -0.21
CA VAL B 499 -17.99 -2.08 -0.65
C VAL B 499 -17.88 -3.51 -0.10
N ASP B 500 -16.70 -3.94 0.34
CA ASP B 500 -16.55 -5.27 0.95
C ASP B 500 -15.53 -5.22 2.09
N PRO B 501 -15.84 -4.48 3.17
CA PRO B 501 -14.84 -4.31 4.24
C PRO B 501 -14.45 -5.61 4.93
N THR B 502 -15.34 -6.59 4.99
CA THR B 502 -15.01 -7.87 5.62
C THR B 502 -14.28 -8.81 4.68
N ASN B 503 -13.96 -8.36 3.46
CA ASN B 503 -13.15 -9.12 2.51
C ASN B 503 -13.75 -10.49 2.20
N PHE B 504 -15.06 -10.55 1.94
CA PHE B 504 -15.64 -11.84 1.61
C PHE B 504 -15.13 -12.36 0.27
N PHE B 505 -15.08 -11.48 -0.74
CA PHE B 505 -14.65 -11.87 -2.10
C PHE B 505 -13.13 -11.84 -2.14
N LYS B 506 -12.49 -12.97 -1.86
CA LYS B 506 -11.02 -13.01 -1.85
C LYS B 506 -10.52 -14.29 -2.48
N TYR B 507 -9.34 -14.19 -3.09
CA TYR B 507 -8.63 -15.30 -3.73
C TYR B 507 -7.17 -14.88 -3.84
N GLU B 508 -6.39 -15.57 -4.67
CA GLU B 508 -4.95 -15.34 -4.72
C GLU B 508 -4.59 -13.97 -5.31
N GLN B 509 -5.44 -13.38 -6.15
CA GLN B 509 -5.14 -12.05 -6.64
C GLN B 509 -6.35 -11.16 -6.51
N SER B 510 -6.94 -11.13 -5.32
CA SER B 510 -8.05 -10.22 -5.09
C SER B 510 -7.55 -8.89 -4.52
N ILE B 511 -8.22 -7.81 -4.91
CA ILE B 511 -8.01 -6.48 -4.33
C ILE B 511 -8.28 -6.55 -2.84
N PRO B 512 -7.36 -6.15 -1.98
CA PRO B 512 -7.60 -6.20 -0.53
C PRO B 512 -8.30 -4.96 -0.04
N PRO B 513 -9.14 -5.09 0.98
CA PRO B 513 -9.59 -3.91 1.74
C PRO B 513 -8.51 -3.48 2.73
N LEU B 514 -8.60 -2.22 3.17
CA LEU B 514 -7.74 -1.78 4.25
C LEU B 514 -8.12 -2.51 5.54
N PRO B 515 -7.16 -2.91 6.35
CA PRO B 515 -7.48 -3.63 7.60
C PRO B 515 -8.42 -2.81 8.45
N PRO B 516 -9.51 -3.41 8.96
CA PRO B 516 -10.45 -2.65 9.79
C PRO B 516 -9.78 -2.11 11.06
N LEU B 517 -10.12 -0.87 11.40
CA LEU B 517 -9.50 -0.17 12.54
C LEU B 517 -10.02 -0.69 13.87
#